data_9B54
#
_entry.id   9B54
#
loop_
_entity.id
_entity.type
_entity.pdbx_description
1 polymer 'Guanine nucleotide-binding protein G(i) subunit alpha-1'
2 polymer 'Guanine nucleotide-binding protein G(I)/G(S)/G(T) subunit beta-1'
3 polymer 'Guanine nucleotide-binding protein G(I)/G(S)/G(O) subunit gamma-2'
4 polymer 'Cannabinoid receptor 1'
5 polymer scFv16
6 non-polymer 'methyl N-{6-(4-carbamimidamidobutoxy)-1-[(4-fluorophenyl)methyl]-1H-indazole-3-carbonyl}-3-methyl-L-valinate'
#
loop_
_entity_poly.entity_id
_entity_poly.type
_entity_poly.pdbx_seq_one_letter_code
_entity_poly.pdbx_strand_id
1 'polypeptide(L)'
;MGCTLSAEDKAAVERSKMIDRNLREDGEKAAREVKLLLLGAGESGKSTIVKQMKIIHEAGYSEEECKQYKAVVYSNTIQS
IIAIIRAMGRLKIDFGDSARADDARQLFVLAGAAEEGFMTAELAGVIKRLWKDSGVQACFNRSREYQLNDSAAYYLNDLD
RIAQPNYIPTQQDVLRTRVKTTGIVETHFTFKDLHFKMFDVGGQRSERKKWIHCFEGVTAIIFCVALSDYDLVLAEDEEM
NRMHESMKLFDSICNNKWFTDTSIILFLNKKDLFEEKIKKSPLTICYPEYAGSNTYEEAAAYIQCQFEDLNKRKDTKEIY
THFTCATDTKNVQFVFDAVTDVIIKNNLKDCGLF
;
A
2 'polypeptide(L)'
;PGSSGSELDQLRQEAEQLKNQIRDARKACADATLSQITNNIDPVGRIQMRTRRTLRGHLAKIYAMHWGTDSRLLVSASQD
GKLIIWDSYTTNKVHAIPLRSSWVMTCAYAPSGNYVACGGLDNICSIYNLKTREGNVRVSRELAGHTGYLSCCRFLDDNQ
IVTSSGDTTCALWDIETGQQTTTFTGHTGDVMSLSLAPDTRLFVSGACDASAKLWDVREGMCRQTFTGHESDINAICFFP
NGNAFATGSDDATCRLFDLRADQELMTYSHDNIICGITSVSFSKSGRLLLAGYDDFNCNVWDALKADRAGVLAGHDNRVS
CLGVTDDGMAVATGSWDSFLKIWN
;
B
3 'polypeptide(L)' MASNNTASIAQARKLVEQLKMEANIDRIKVSKAAADLMAYCEAHAKEDPLLTPVPASENPFREKKFFCAIL C
4 'polypeptide(L)'
;DYKDDDDAMKSILDGLADTTFRTITTDLLYVGSNDIQYEDIKGDMASKLGYFPQKFPLTSFRGSPFQEKMTAGDNPQLVP
ADQVNITEFYNKSLSENLYFQGSFKENEENIQCGENFMDIECFMVLNPSQQLAIAVLSLTLGTFTVLENLLVLCVILHSR
SLRCRPSYHFIGSLAVADLLGSVIFVYSFIDFHVFHRKDSRNVFLFKLGGVTASFTASVGSLFLTAIDRYISIHRPLAYK
RIVTRPKAVVAFCLMWTIAIVIAVLPLLGWNCEKLQSVCSDIFPHIDETYLMFWIGVTSVLLLFIVYAYMYILWKAHSHA
VRMIQRGTQKSIIIHTSEDGKVQVTRPDQARMDIRLAKTLVLILVVLIICWGPLLAIMVYDVFGKMNKLIKTVFAFCSML
CLLNSTVNPIIYALRSKDLRHAFRSMFPSCEGTAQPLDNSMGDSDCLHKHANNAASVHRAAESCIKSTVKIAKVTMSVST
DTSAEALGSHHHHHH
;
R
5 'polypeptide(L)'
;DVQLVESGGGLVQPGGSRKLSCSASGFAFSSFGMHWVRQAPEKGLEWVAYISSGSGTIYYADTVKGRFTISRDDPKNTLF
LQMTSLRSEDTAMYYCVRSIYYYGSSPFDFWGQGTTLTVSSGGGGSGGGGSGGGGSDIVMTQATSSVPVTPGESVSISCR
SSKSLLHSNGNTYLYWFLQRPGQSPQLLIYRMSNLASGVPDRFSGSGSGTAFTLTISRLEAEDVGVYYCMQHLEYPLTFG
AGTKLELKAAAHHHHHHHH
;
S
#
loop_
_chem_comp.id
_chem_comp.type
_chem_comp.name
_chem_comp.formula
A1AIW non-polymer 'methyl N-{6-(4-carbamimidamidobutoxy)-1-[(4-fluorophenyl)methyl]-1H-indazole-3-carbonyl}-3-methyl-L-valinate' 'C27 H35 F N6 O4'
#
# COMPACT_ATOMS: atom_id res chain seq x y z
N CYS A 3 -6.06 16.24 25.47
CA CYS A 3 -5.19 15.56 24.52
C CYS A 3 -4.82 16.51 23.40
N THR A 4 -5.50 17.67 23.40
CA THR A 4 -5.49 18.72 22.38
C THR A 4 -6.40 18.42 21.20
N LEU A 5 -6.99 17.23 21.12
CA LEU A 5 -7.96 16.91 20.08
C LEU A 5 -9.36 17.29 20.52
N SER A 6 -10.18 17.71 19.57
CA SER A 6 -11.57 18.04 19.85
C SER A 6 -12.41 16.77 19.98
N ALA A 7 -13.68 16.98 20.31
CA ALA A 7 -14.63 15.88 20.33
C ALA A 7 -14.84 15.29 18.94
N GLU A 8 -14.92 16.15 17.92
CA GLU A 8 -15.11 15.65 16.56
C GLU A 8 -13.82 15.09 15.97
N ASP A 9 -12.66 15.64 16.34
CA ASP A 9 -11.38 15.09 15.89
C ASP A 9 -11.12 13.69 16.42
N LYS A 10 -11.68 13.36 17.58
CA LYS A 10 -11.47 12.04 18.16
C LYS A 10 -12.40 11.00 17.57
N ALA A 11 -13.57 11.40 17.10
CA ALA A 11 -14.47 10.46 16.44
C ALA A 11 -14.10 10.21 14.99
N ALA A 12 -13.28 11.07 14.40
CA ALA A 12 -12.72 10.77 13.08
C ALA A 12 -11.57 9.79 13.18
N VAL A 13 -10.78 9.85 14.26
CA VAL A 13 -9.73 8.85 14.48
C VAL A 13 -10.34 7.47 14.69
N GLU A 14 -11.45 7.39 15.41
CA GLU A 14 -12.09 6.11 15.62
C GLU A 14 -12.69 5.53 14.34
N ARG A 15 -13.19 6.37 13.44
CA ARG A 15 -13.66 5.88 12.14
C ARG A 15 -12.53 5.26 11.34
N SER A 16 -11.37 5.90 11.37
CA SER A 16 -10.22 5.45 10.61
C SER A 16 -9.70 4.11 11.10
N LYS A 17 -9.67 3.89 12.43
CA LYS A 17 -9.19 2.62 12.97
C LYS A 17 -10.14 1.47 12.73
N MET A 18 -11.38 1.74 12.34
CA MET A 18 -12.29 0.67 11.97
C MET A 18 -12.26 0.35 10.48
N ILE A 19 -11.86 1.31 9.64
CA ILE A 19 -11.48 0.99 8.27
C ILE A 19 -10.20 0.16 8.26
N ASP A 20 -9.24 0.49 9.12
CA ASP A 20 -8.00 -0.28 9.19
C ASP A 20 -8.25 -1.75 9.52
N ARG A 21 -9.31 -2.04 10.26
CA ARG A 21 -9.56 -3.43 10.66
C ARG A 21 -10.25 -4.23 9.57
N ASN A 22 -11.11 -3.61 8.78
CA ASN A 22 -11.67 -4.33 7.64
C ASN A 22 -10.66 -4.52 6.53
N LEU A 23 -9.64 -3.66 6.46
CA LEU A 23 -8.57 -3.85 5.48
C LEU A 23 -7.74 -5.08 5.82
N ARG A 24 -7.37 -5.25 7.10
CA ARG A 24 -6.64 -6.45 7.52
C ARG A 24 -7.48 -7.71 7.39
N GLU A 25 -8.78 -7.63 7.63
CA GLU A 25 -9.62 -8.81 7.49
C GLU A 25 -9.72 -9.26 6.04
N ASP A 26 -9.50 -8.36 5.09
CA ASP A 26 -9.61 -8.69 3.68
C ASP A 26 -8.30 -9.21 3.11
N GLY A 27 -7.17 -8.67 3.59
CA GLY A 27 -5.87 -9.13 3.16
C GLY A 27 -5.47 -10.48 3.71
N GLU A 28 -6.19 -10.96 4.73
CA GLU A 28 -5.93 -12.30 5.25
C GLU A 28 -6.80 -13.35 4.54
N LYS A 29 -8.03 -12.98 4.21
CA LYS A 29 -8.95 -13.88 3.52
C LYS A 29 -8.60 -14.03 2.05
N ALA A 30 -7.72 -13.20 1.50
CA ALA A 30 -7.32 -13.31 0.10
C ALA A 30 -5.98 -13.98 -0.07
N ALA A 31 -5.23 -14.17 1.01
CA ALA A 31 -3.95 -14.87 0.99
C ALA A 31 -4.11 -16.37 1.13
N ARG A 32 -5.33 -16.88 1.15
CA ARG A 32 -5.60 -18.31 1.22
C ARG A 32 -5.82 -18.93 -0.16
N GLU A 33 -5.52 -18.19 -1.22
CA GLU A 33 -5.78 -18.67 -2.57
C GLU A 33 -4.51 -18.57 -3.39
N VAL A 34 -4.28 -19.58 -4.20
CA VAL A 34 -3.15 -19.63 -5.12
C VAL A 34 -3.60 -19.07 -6.45
N LYS A 35 -2.71 -18.33 -7.10
CA LYS A 35 -3.03 -17.60 -8.32
C LYS A 35 -2.11 -18.07 -9.43
N LEU A 36 -2.68 -18.24 -10.62
CA LEU A 36 -2.04 -18.96 -11.72
C LEU A 36 -2.35 -18.23 -13.02
N LEU A 37 -1.33 -17.96 -13.82
CA LEU A 37 -1.50 -17.37 -15.14
C LEU A 37 -1.44 -18.43 -16.21
N LEU A 38 -2.36 -18.37 -17.17
CA LEU A 38 -2.48 -19.39 -18.19
C LEU A 38 -2.12 -18.79 -19.55
N LEU A 39 -1.10 -19.34 -20.20
CA LEU A 39 -0.56 -18.81 -21.45
C LEU A 39 -0.55 -19.87 -22.54
N GLY A 40 0.14 -19.59 -23.63
CA GLY A 40 0.30 -20.54 -24.72
C GLY A 40 -0.24 -20.00 -26.02
N ALA A 41 0.54 -20.14 -27.10
CA ALA A 41 0.10 -19.69 -28.41
C ALA A 41 -1.18 -20.43 -28.77
N GLY A 42 -2.30 -19.72 -28.72
CA GLY A 42 -3.59 -20.37 -28.60
C GLY A 42 -4.14 -20.95 -29.89
N GLU A 43 -4.10 -22.29 -30.00
CA GLU A 43 -4.75 -22.96 -31.11
C GLU A 43 -5.86 -23.88 -30.66
N SER A 44 -5.57 -24.90 -29.85
CA SER A 44 -6.60 -25.86 -29.47
C SER A 44 -6.77 -26.04 -27.98
N GLY A 45 -5.69 -26.41 -27.26
CA GLY A 45 -5.86 -27.09 -25.99
C GLY A 45 -6.39 -26.20 -24.88
N LYS A 46 -6.07 -24.91 -24.94
CA LYS A 46 -6.30 -24.01 -23.80
C LYS A 46 -7.76 -23.94 -23.39
N SER A 47 -8.70 -24.19 -24.32
CA SER A 47 -10.11 -24.04 -24.00
C SER A 47 -10.67 -25.27 -23.29
N THR A 48 -10.12 -26.45 -23.58
CA THR A 48 -10.67 -27.66 -22.97
C THR A 48 -10.18 -27.87 -21.55
N ILE A 49 -8.97 -27.38 -21.22
CA ILE A 49 -8.44 -27.60 -19.88
C ILE A 49 -9.25 -26.82 -18.85
N VAL A 50 -9.87 -25.71 -19.26
CA VAL A 50 -10.79 -25.00 -18.38
C VAL A 50 -12.05 -25.82 -18.14
N LYS A 51 -12.62 -26.39 -19.21
CA LYS A 51 -13.74 -27.31 -19.04
C LYS A 51 -13.32 -28.54 -18.27
N GLN A 52 -12.04 -28.93 -18.38
CA GLN A 52 -11.52 -30.05 -17.60
C GLN A 52 -11.63 -29.79 -16.11
N MET A 53 -11.56 -28.52 -15.71
CA MET A 53 -11.53 -28.16 -14.30
C MET A 53 -12.72 -27.32 -13.85
N LYS A 54 -13.46 -26.73 -14.78
CA LYS A 54 -14.64 -25.93 -14.46
C LYS A 54 -14.33 -24.80 -13.50
N THR A 182 -13.77 -9.90 -22.42
CA THR A 182 -13.25 -8.80 -23.20
C THR A 182 -11.83 -8.43 -22.76
N GLY A 183 -11.67 -8.01 -21.51
CA GLY A 183 -10.35 -7.70 -21.01
C GLY A 183 -9.57 -8.85 -20.42
N ILE A 184 -10.12 -9.50 -19.38
CA ILE A 184 -9.37 -10.47 -18.59
C ILE A 184 -10.38 -11.38 -17.90
N VAL A 185 -10.05 -12.67 -17.83
CA VAL A 185 -11.02 -13.71 -17.48
C VAL A 185 -10.51 -14.52 -16.29
N GLU A 186 -11.29 -14.58 -15.22
CA GLU A 186 -10.95 -15.36 -14.03
C GLU A 186 -11.78 -16.64 -13.94
N THR A 187 -11.52 -17.41 -12.89
CA THR A 187 -12.15 -18.71 -12.65
C THR A 187 -11.73 -19.20 -11.28
N HIS A 188 -12.64 -19.87 -10.57
CA HIS A 188 -12.36 -20.41 -9.25
C HIS A 188 -12.61 -21.91 -9.24
N PHE A 189 -11.89 -22.63 -8.36
CA PHE A 189 -12.24 -24.00 -8.04
C PHE A 189 -11.47 -24.52 -6.83
N THR A 190 -12.18 -25.07 -5.85
CA THR A 190 -11.55 -25.71 -4.69
C THR A 190 -11.32 -27.18 -4.99
N PHE A 191 -10.14 -27.68 -4.65
CA PHE A 191 -9.82 -29.10 -4.76
C PHE A 191 -9.06 -29.53 -3.51
N LYS A 192 -9.74 -30.25 -2.61
CA LYS A 192 -9.06 -30.93 -1.51
C LYS A 192 -8.45 -29.92 -0.55
N ASP A 193 -9.27 -28.97 -0.08
CA ASP A 193 -8.91 -27.97 0.92
C ASP A 193 -8.00 -26.87 0.38
N LEU A 194 -7.99 -26.62 -0.92
CA LEU A 194 -7.11 -25.61 -1.49
C LEU A 194 -7.87 -24.89 -2.60
N HIS A 195 -7.79 -23.56 -2.61
CA HIS A 195 -8.59 -22.71 -3.50
C HIS A 195 -7.68 -22.06 -4.54
N PHE A 196 -8.13 -22.02 -5.79
CA PHE A 196 -7.32 -21.54 -6.89
C PHE A 196 -8.00 -20.40 -7.64
N LYS A 197 -7.20 -19.58 -8.30
CA LYS A 197 -7.70 -18.55 -9.22
C LYS A 197 -6.85 -18.58 -10.47
N MET A 198 -7.46 -18.85 -11.60
CA MET A 198 -6.75 -18.96 -12.86
C MET A 198 -7.09 -17.77 -13.74
N PHE A 199 -6.08 -17.21 -14.41
CA PHE A 199 -6.25 -16.02 -15.23
C PHE A 199 -5.90 -16.34 -16.67
N ASP A 200 -6.85 -16.11 -17.56
CA ASP A 200 -6.65 -16.23 -19.00
C ASP A 200 -6.50 -14.83 -19.57
N VAL A 201 -5.54 -14.64 -20.47
CA VAL A 201 -5.15 -13.29 -20.85
C VAL A 201 -5.11 -13.09 -22.36
N GLY A 202 -5.24 -14.18 -23.12
CA GLY A 202 -5.09 -14.16 -24.56
C GLY A 202 -6.06 -13.27 -25.31
N GLY A 203 -7.09 -12.74 -24.64
CA GLY A 203 -8.01 -11.81 -25.27
C GLY A 203 -7.72 -10.34 -25.03
N GLN A 204 -6.49 -9.89 -25.24
CA GLN A 204 -6.12 -8.49 -25.04
C GLN A 204 -5.69 -7.82 -26.34
N ARG A 205 -4.68 -8.35 -27.02
CA ARG A 205 -4.21 -7.81 -28.30
C ARG A 205 -3.66 -6.39 -28.14
N SER A 206 -2.63 -6.28 -27.29
CA SER A 206 -1.88 -5.04 -27.12
C SER A 206 -0.40 -5.41 -27.09
N GLU A 207 0.45 -4.42 -26.85
CA GLU A 207 1.87 -4.71 -26.64
C GLU A 207 2.02 -5.44 -25.32
N ARG A 208 2.41 -6.70 -25.37
CA ARG A 208 2.43 -7.52 -24.16
C ARG A 208 3.44 -7.02 -23.15
N LYS A 209 4.41 -6.22 -23.58
CA LYS A 209 5.49 -5.72 -22.74
C LYS A 209 5.09 -4.50 -21.93
N LYS A 210 3.82 -4.10 -21.94
CA LYS A 210 3.36 -3.00 -21.11
C LYS A 210 2.55 -3.43 -19.90
N TRP A 211 1.72 -4.47 -20.03
CA TRP A 211 0.88 -4.89 -18.92
C TRP A 211 1.32 -6.18 -18.26
N ILE A 212 2.23 -6.95 -18.87
CA ILE A 212 2.59 -8.26 -18.33
C ILE A 212 3.27 -8.15 -16.98
N HIS A 213 3.90 -7.02 -16.66
CA HIS A 213 4.53 -6.89 -15.36
C HIS A 213 3.52 -6.68 -14.23
N CYS A 214 2.23 -6.64 -14.54
CA CYS A 214 1.22 -6.66 -13.49
C CYS A 214 1.17 -8.02 -12.79
N PHE A 215 1.61 -9.07 -13.48
CA PHE A 215 1.55 -10.43 -12.94
C PHE A 215 2.82 -10.84 -12.24
N GLU A 216 3.68 -9.89 -11.87
CA GLU A 216 4.85 -10.23 -11.08
C GLU A 216 4.39 -10.70 -9.70
N GLY A 217 4.73 -11.94 -9.35
CA GLY A 217 4.31 -12.49 -8.08
C GLY A 217 3.12 -13.43 -8.12
N VAL A 218 2.84 -14.08 -9.24
CA VAL A 218 1.97 -15.24 -9.21
C VAL A 218 2.73 -16.42 -8.65
N THR A 219 1.99 -17.43 -8.22
CA THR A 219 2.63 -18.61 -7.64
C THR A 219 3.24 -19.50 -8.72
N ALA A 220 2.64 -19.54 -9.90
CA ALA A 220 3.13 -20.40 -10.96
C ALA A 220 2.54 -19.95 -12.29
N ILE A 221 3.05 -20.53 -13.37
CA ILE A 221 2.51 -20.33 -14.71
C ILE A 221 2.20 -21.68 -15.30
N ILE A 222 1.03 -21.81 -15.92
CA ILE A 222 0.66 -22.99 -16.69
C ILE A 222 0.77 -22.65 -18.16
N PHE A 223 1.25 -23.60 -18.96
CA PHE A 223 1.54 -23.34 -20.36
C PHE A 223 1.02 -24.50 -21.19
N CYS A 224 0.25 -24.19 -22.23
CA CYS A 224 -0.45 -25.19 -23.02
C CYS A 224 0.12 -25.26 -24.43
N VAL A 225 0.36 -26.47 -24.90
CA VAL A 225 0.91 -26.72 -26.22
C VAL A 225 0.15 -27.87 -26.85
N ALA A 226 0.01 -27.84 -28.17
CA ALA A 226 -0.67 -28.90 -28.92
C ALA A 226 0.37 -29.76 -29.62
N LEU A 227 0.48 -31.02 -29.20
CA LEU A 227 1.39 -31.97 -29.85
C LEU A 227 0.99 -32.29 -31.28
N SER A 228 -0.24 -31.99 -31.67
CA SER A 228 -0.71 -32.21 -33.03
C SER A 228 -0.49 -30.99 -33.92
N ASP A 229 0.57 -30.21 -33.68
CA ASP A 229 0.91 -29.07 -34.52
C ASP A 229 2.36 -29.13 -35.02
N TYR A 230 2.86 -30.33 -35.28
CA TYR A 230 4.28 -30.47 -35.65
C TYR A 230 4.50 -30.37 -37.15
N ASP A 231 3.55 -30.80 -37.96
CA ASP A 231 3.67 -30.74 -39.42
C ASP A 231 2.53 -29.94 -40.03
N LEU A 232 2.25 -28.78 -39.45
CA LEU A 232 1.26 -27.87 -39.99
C LEU A 232 1.86 -26.47 -40.09
N MET A 240 4.75 -27.17 -38.98
CA MET A 240 6.00 -26.99 -38.26
C MET A 240 6.33 -25.51 -38.12
N ASN A 241 5.67 -24.66 -38.90
CA ASN A 241 5.70 -23.24 -38.62
C ASN A 241 4.97 -22.93 -37.32
N ARG A 242 3.90 -23.68 -37.06
CA ARG A 242 3.12 -23.44 -35.85
C ARG A 242 3.82 -23.98 -34.62
N MET A 243 4.42 -25.16 -34.71
CA MET A 243 5.17 -25.68 -33.58
C MET A 243 6.35 -24.80 -33.23
N HIS A 244 6.93 -24.10 -34.22
CA HIS A 244 7.99 -23.15 -33.94
C HIS A 244 7.45 -21.77 -33.61
N GLU A 245 6.15 -21.56 -33.74
CA GLU A 245 5.54 -20.35 -33.20
C GLU A 245 5.38 -20.45 -31.69
N SER A 246 5.13 -21.66 -31.18
CA SER A 246 5.01 -21.84 -29.74
C SER A 246 6.36 -21.75 -29.05
N MET A 247 7.40 -22.32 -29.69
CA MET A 247 8.74 -22.21 -29.13
C MET A 247 9.24 -20.77 -29.12
N LYS A 248 8.63 -19.88 -29.90
CA LYS A 248 9.00 -18.47 -29.86
C LYS A 248 8.40 -17.76 -28.66
N LEU A 249 7.19 -18.15 -28.27
CA LEU A 249 6.54 -17.53 -27.11
C LEU A 249 7.11 -18.07 -25.81
N PHE A 250 7.35 -19.39 -25.74
CA PHE A 250 7.90 -20.01 -24.53
C PHE A 250 9.28 -19.46 -24.20
N ASP A 251 10.00 -18.94 -25.19
CA ASP A 251 11.35 -18.43 -24.94
C ASP A 251 11.34 -17.02 -24.36
N SER A 252 10.32 -16.23 -24.67
CA SER A 252 10.32 -14.84 -24.19
C SER A 252 9.79 -14.74 -22.77
N ILE A 253 8.77 -15.53 -22.42
CA ILE A 253 8.23 -15.48 -21.07
C ILE A 253 9.16 -16.17 -20.08
N CYS A 254 9.83 -17.25 -20.51
CA CYS A 254 10.71 -17.97 -19.60
C CYS A 254 11.96 -17.17 -19.24
N ASN A 255 12.26 -16.09 -19.96
CA ASN A 255 13.48 -15.32 -19.75
C ASN A 255 13.22 -13.86 -19.42
N ASN A 256 11.97 -13.45 -19.21
CA ASN A 256 11.68 -12.11 -18.72
C ASN A 256 12.43 -11.82 -17.42
N LYS A 257 12.74 -10.54 -17.22
CA LYS A 257 13.30 -10.10 -15.95
C LYS A 257 12.26 -10.01 -14.85
N TRP A 258 10.98 -10.05 -15.19
CA TRP A 258 9.95 -10.03 -14.18
C TRP A 258 9.66 -11.41 -13.60
N PHE A 259 9.97 -12.46 -14.35
CA PHE A 259 9.66 -13.82 -13.94
C PHE A 259 10.93 -14.65 -13.71
N THR A 260 11.88 -14.07 -12.99
CA THR A 260 13.13 -14.76 -12.72
C THR A 260 12.96 -15.88 -11.70
N ASP A 261 11.99 -15.77 -10.80
CA ASP A 261 11.83 -16.71 -9.70
C ASP A 261 10.57 -17.56 -9.83
N THR A 262 9.92 -17.58 -10.98
CA THR A 262 8.64 -18.25 -11.13
C THR A 262 8.85 -19.55 -11.90
N SER A 263 8.35 -20.65 -11.33
CA SER A 263 8.42 -21.93 -11.99
C SER A 263 7.29 -22.08 -13.00
N ILE A 264 7.38 -23.12 -13.82
CA ILE A 264 6.46 -23.34 -14.92
C ILE A 264 5.92 -24.76 -14.89
N ILE A 265 4.61 -24.89 -15.06
CA ILE A 265 3.97 -26.17 -15.33
C ILE A 265 3.70 -26.25 -16.82
N LEU A 266 4.02 -27.38 -17.44
CA LEU A 266 3.94 -27.53 -18.88
C LEU A 266 3.03 -28.70 -19.23
N PHE A 267 2.14 -28.47 -20.18
CA PHE A 267 1.20 -29.46 -20.68
C PHE A 267 1.49 -29.76 -22.15
N LEU A 268 0.92 -30.87 -22.64
CA LEU A 268 1.10 -31.27 -24.03
C LEU A 268 -0.18 -32.00 -24.46
N ASN A 269 -1.11 -31.25 -25.05
CA ASN A 269 -2.47 -31.72 -25.22
C ASN A 269 -2.65 -32.52 -26.51
N LYS A 270 -3.80 -33.18 -26.60
CA LYS A 270 -4.19 -33.91 -27.80
C LYS A 270 -3.28 -35.10 -28.10
N LYS A 271 -3.07 -35.94 -27.09
CA LYS A 271 -2.21 -37.09 -27.25
C LYS A 271 -2.88 -38.24 -28.00
N ASP A 272 -4.15 -38.08 -28.37
CA ASP A 272 -4.78 -39.06 -29.25
C ASP A 272 -4.47 -38.74 -30.71
N LEU A 273 -4.64 -37.49 -31.12
CA LEU A 273 -4.49 -37.13 -32.53
C LEU A 273 -3.06 -37.33 -33.01
N PHE A 274 -2.09 -37.33 -32.10
CA PHE A 274 -0.69 -37.59 -32.39
C PHE A 274 -0.37 -39.08 -32.47
N GLU A 275 -1.34 -39.95 -32.21
CA GLU A 275 -1.08 -41.39 -32.21
C GLU A 275 -0.67 -41.87 -33.60
N GLU A 276 -1.55 -41.71 -34.59
CA GLU A 276 -1.30 -42.27 -35.91
C GLU A 276 -0.58 -41.29 -36.82
N LYS A 277 -0.68 -39.98 -36.56
CA LYS A 277 -0.07 -39.00 -37.46
C LYS A 277 1.43 -39.17 -37.60
N ILE A 278 2.09 -39.82 -36.64
CA ILE A 278 3.48 -40.22 -36.85
C ILE A 278 3.59 -41.27 -37.94
N LYS A 279 2.59 -42.15 -38.06
CA LYS A 279 2.58 -43.21 -39.06
C LYS A 279 2.53 -42.65 -40.48
N LYS A 280 1.44 -41.97 -40.82
CA LYS A 280 1.27 -41.46 -42.18
C LYS A 280 2.16 -40.25 -42.43
N SER A 281 2.32 -39.40 -41.41
CA SER A 281 3.12 -38.19 -41.56
C SER A 281 4.43 -38.33 -40.78
N PRO A 282 5.54 -38.64 -41.45
CA PRO A 282 6.79 -38.85 -40.72
C PRO A 282 7.31 -37.54 -40.14
N LEU A 283 8.23 -37.68 -39.20
CA LEU A 283 8.86 -36.52 -38.60
C LEU A 283 10.06 -36.13 -39.47
N THR A 284 10.87 -35.19 -39.01
CA THR A 284 11.85 -34.40 -39.74
C THR A 284 11.16 -33.33 -40.58
N ILE A 285 9.83 -33.36 -40.70
CA ILE A 285 9.10 -32.23 -41.26
C ILE A 285 8.96 -31.14 -40.22
N CYS A 286 9.09 -31.51 -38.94
CA CYS A 286 9.02 -30.56 -37.83
C CYS A 286 10.39 -30.26 -37.22
N TYR A 287 11.32 -31.20 -37.30
CA TYR A 287 12.69 -31.07 -36.81
C TYR A 287 13.64 -31.76 -37.78
N PRO A 288 14.46 -31.01 -38.53
CA PRO A 288 15.36 -31.65 -39.49
C PRO A 288 16.40 -32.55 -38.84
N GLU A 289 16.88 -32.19 -37.65
CA GLU A 289 18.01 -32.90 -37.08
C GLU A 289 17.62 -34.25 -36.49
N TYR A 290 16.33 -34.44 -36.17
CA TYR A 290 15.90 -35.66 -35.52
C TYR A 290 16.07 -36.83 -36.48
N ALA A 291 17.13 -37.62 -36.27
CA ALA A 291 17.43 -38.79 -37.08
C ALA A 291 17.32 -40.00 -36.17
N GLY A 292 16.10 -40.51 -36.03
CA GLY A 292 15.82 -41.61 -35.15
C GLY A 292 14.45 -42.18 -35.45
N SER A 293 14.02 -43.08 -34.59
CA SER A 293 12.80 -43.84 -34.86
C SER A 293 11.57 -42.95 -34.90
N ASN A 294 10.55 -43.42 -35.62
CA ASN A 294 9.21 -42.85 -35.57
C ASN A 294 8.27 -43.70 -34.73
N THR A 295 8.77 -44.23 -33.61
CA THR A 295 8.07 -45.19 -32.78
C THR A 295 7.13 -44.54 -31.78
N TYR A 296 6.93 -43.22 -31.85
CA TYR A 296 5.98 -42.50 -31.01
C TYR A 296 6.44 -42.35 -29.56
N GLU A 297 7.52 -43.04 -29.19
CA GLU A 297 8.09 -42.93 -27.85
C GLU A 297 9.30 -42.02 -27.83
N GLU A 298 10.23 -42.24 -28.77
CA GLU A 298 11.31 -41.28 -28.96
C GLU A 298 10.78 -39.96 -29.52
N ALA A 299 9.64 -40.01 -30.21
CA ALA A 299 9.05 -38.81 -30.79
C ALA A 299 8.62 -37.83 -29.70
N ALA A 300 7.67 -38.25 -28.86
CA ALA A 300 7.21 -37.40 -27.77
C ALA A 300 8.37 -37.05 -26.83
N ALA A 301 9.26 -37.99 -26.58
CA ALA A 301 10.39 -37.73 -25.69
C ALA A 301 11.35 -36.72 -26.29
N TYR A 302 11.43 -36.64 -27.63
CA TYR A 302 12.35 -35.69 -28.23
C TYR A 302 11.77 -34.27 -28.25
N ILE A 303 10.45 -34.16 -28.38
CA ILE A 303 9.80 -32.84 -28.31
C ILE A 303 10.01 -32.23 -26.94
N GLN A 304 10.13 -33.07 -25.91
CA GLN A 304 10.19 -32.59 -24.53
C GLN A 304 11.50 -31.89 -24.24
N CYS A 305 12.62 -32.55 -24.54
CA CYS A 305 13.92 -31.95 -24.29
C CYS A 305 14.16 -30.69 -25.11
N GLN A 306 13.42 -30.52 -26.21
CA GLN A 306 13.56 -29.31 -27.01
C GLN A 306 13.02 -28.08 -26.30
N PHE A 307 12.10 -28.28 -25.35
CA PHE A 307 11.57 -27.17 -24.58
C PHE A 307 12.41 -26.91 -23.33
N GLU A 308 12.74 -27.96 -22.58
CA GLU A 308 13.39 -27.76 -21.29
C GLU A 308 14.82 -27.29 -21.44
N ASP A 309 15.40 -27.44 -22.63
CA ASP A 309 16.68 -26.81 -22.92
C ASP A 309 16.57 -25.31 -23.10
N LEU A 310 15.34 -24.81 -23.27
CA LEU A 310 15.10 -23.37 -23.40
C LEU A 310 15.20 -22.65 -22.07
N ASN A 311 15.06 -23.38 -20.97
CA ASN A 311 15.30 -22.80 -19.64
C ASN A 311 16.77 -22.42 -19.51
N LYS A 312 17.03 -21.13 -19.26
CA LYS A 312 18.38 -20.62 -19.14
C LYS A 312 18.79 -20.27 -17.72
N ARG A 313 17.90 -20.49 -16.74
CA ARG A 313 18.22 -20.33 -15.31
C ARG A 313 17.88 -21.66 -14.66
N LYS A 314 18.81 -22.61 -14.73
CA LYS A 314 18.52 -23.94 -14.22
C LYS A 314 18.42 -23.98 -12.70
N ASP A 315 18.85 -22.91 -12.02
CA ASP A 315 18.90 -22.89 -10.57
C ASP A 315 17.65 -22.28 -9.94
N THR A 316 17.16 -21.16 -10.48
CA THR A 316 16.04 -20.44 -9.88
C THR A 316 14.68 -20.83 -10.45
N LYS A 317 14.60 -21.88 -11.28
CA LYS A 317 13.35 -22.24 -11.92
C LYS A 317 13.37 -23.71 -12.29
N GLU A 318 12.21 -24.36 -12.18
CA GLU A 318 12.01 -25.73 -12.62
C GLU A 318 10.90 -25.77 -13.66
N ILE A 319 10.82 -26.90 -14.38
CA ILE A 319 9.73 -27.18 -15.30
C ILE A 319 9.11 -28.52 -14.90
N TYR A 320 7.80 -28.64 -15.07
CA TYR A 320 7.03 -29.82 -14.71
C TYR A 320 6.23 -30.25 -15.93
N THR A 321 6.66 -31.32 -16.58
CA THR A 321 6.01 -31.76 -17.82
C THR A 321 4.92 -32.79 -17.52
N HIS A 322 3.86 -32.78 -18.34
CA HIS A 322 2.77 -33.73 -18.19
C HIS A 322 2.02 -33.84 -19.50
N PHE A 323 1.46 -35.02 -19.77
CA PHE A 323 0.77 -35.34 -21.00
C PHE A 323 -0.73 -35.49 -20.73
N THR A 324 -1.52 -34.53 -21.22
CA THR A 324 -2.93 -34.42 -20.85
C THR A 324 -3.75 -35.51 -21.52
N CYS A 325 -4.61 -36.17 -20.75
CA CYS A 325 -5.37 -37.31 -21.24
C CYS A 325 -6.69 -36.90 -21.86
N ALA A 326 -7.45 -36.05 -21.17
CA ALA A 326 -8.76 -35.51 -21.51
C ALA A 326 -9.94 -36.44 -21.18
N THR A 327 -9.72 -37.63 -20.63
CA THR A 327 -10.81 -38.42 -20.08
C THR A 327 -10.69 -38.65 -18.58
N ASP A 328 -9.47 -38.88 -18.09
CA ASP A 328 -9.22 -38.97 -16.66
C ASP A 328 -9.19 -37.58 -16.05
N THR A 329 -9.59 -37.51 -14.77
CA THR A 329 -9.47 -36.29 -13.99
C THR A 329 -8.18 -36.25 -13.18
N LYS A 330 -7.10 -36.81 -13.74
CA LYS A 330 -5.77 -36.66 -13.16
C LYS A 330 -5.15 -35.30 -13.48
N ASN A 331 -5.79 -34.52 -14.35
CA ASN A 331 -5.26 -33.22 -14.72
C ASN A 331 -5.17 -32.29 -13.51
N VAL A 332 -6.23 -32.24 -12.71
CA VAL A 332 -6.23 -31.37 -11.54
C VAL A 332 -5.41 -31.97 -10.40
N GLN A 333 -5.18 -33.28 -10.40
CA GLN A 333 -4.37 -33.91 -9.36
C GLN A 333 -2.89 -33.65 -9.58
N PHE A 334 -2.49 -33.35 -10.81
CA PHE A 334 -1.09 -33.02 -11.08
C PHE A 334 -0.79 -31.56 -10.71
N VAL A 335 -1.73 -30.66 -10.96
CA VAL A 335 -1.54 -29.26 -10.60
C VAL A 335 -1.45 -29.11 -9.08
N PHE A 336 -2.17 -29.94 -8.33
CA PHE A 336 -2.08 -29.86 -6.87
C PHE A 336 -0.70 -30.27 -6.38
N ASP A 337 -0.14 -31.34 -6.94
CA ASP A 337 1.11 -31.88 -6.42
C ASP A 337 2.28 -30.98 -6.77
N ALA A 338 2.26 -30.37 -7.94
CA ALA A 338 3.34 -29.47 -8.32
C ALA A 338 3.29 -28.17 -7.53
N VAL A 339 2.09 -27.70 -7.20
CA VAL A 339 1.97 -26.42 -6.50
C VAL A 339 2.41 -26.54 -5.05
N THR A 340 2.18 -27.69 -4.42
CA THR A 340 2.67 -27.87 -3.05
C THR A 340 4.17 -28.13 -3.01
N ASP A 341 4.77 -28.45 -4.14
CA ASP A 341 6.23 -28.50 -4.24
C ASP A 341 6.81 -27.10 -4.35
N VAL A 342 6.13 -26.20 -5.07
CA VAL A 342 6.67 -24.86 -5.31
C VAL A 342 6.71 -24.05 -4.04
N ILE A 343 5.75 -24.28 -3.14
CA ILE A 343 5.63 -23.45 -1.95
C ILE A 343 6.62 -23.86 -0.87
N ILE A 344 6.92 -25.15 -0.74
CA ILE A 344 7.87 -25.57 0.29
C ILE A 344 9.27 -25.09 -0.04
N LYS A 345 9.65 -25.07 -1.32
CA LYS A 345 10.96 -24.53 -1.67
C LYS A 345 11.01 -23.02 -1.48
N ASN A 346 9.88 -22.33 -1.55
CA ASN A 346 9.86 -20.90 -1.24
C ASN A 346 10.04 -20.65 0.24
N ASN A 347 9.28 -21.36 1.08
CA ASN A 347 9.41 -21.17 2.52
C ASN A 347 10.81 -21.50 3.01
N LEU A 348 11.33 -22.66 2.64
CA LEU A 348 12.66 -23.07 3.10
C LEU A 348 13.74 -22.09 2.67
N LYS A 349 13.47 -21.27 1.67
CA LYS A 349 14.39 -20.23 1.23
C LYS A 349 14.11 -18.87 1.85
N ASP A 350 12.99 -18.72 2.55
CA ASP A 350 12.71 -17.44 3.20
C ASP A 350 13.38 -17.35 4.56
N CYS A 351 13.60 -18.48 5.23
CA CYS A 351 14.23 -18.51 6.54
C CYS A 351 15.72 -18.77 6.46
N GLY A 352 16.26 -18.92 5.25
CA GLY A 352 17.65 -19.21 5.07
C GLY A 352 18.05 -20.65 5.25
N LEU A 353 17.09 -21.54 5.54
CA LEU A 353 17.45 -22.93 5.81
C LEU A 353 17.90 -23.67 4.54
N PHE A 354 17.64 -23.12 3.37
CA PHE A 354 18.43 -23.47 2.18
C PHE A 354 19.58 -22.48 2.05
N GLU B 7 -2.92 7.01 -56.83
CA GLU B 7 -2.68 6.40 -58.13
C GLU B 7 -1.31 5.72 -58.18
N LEU B 8 -0.44 6.20 -59.05
CA LEU B 8 0.89 5.63 -59.23
C LEU B 8 1.89 6.47 -58.45
N ASP B 9 2.62 5.83 -57.53
CA ASP B 9 3.74 6.41 -56.81
C ASP B 9 3.30 7.46 -55.81
N GLN B 10 2.00 7.66 -55.63
CA GLN B 10 1.47 8.80 -54.86
C GLN B 10 1.94 8.80 -53.41
N LEU B 11 2.29 7.64 -52.86
CA LEU B 11 2.95 7.63 -51.56
C LEU B 11 4.28 8.38 -51.62
N ARG B 12 4.94 8.34 -52.78
CA ARG B 12 6.30 8.87 -52.89
C ARG B 12 6.32 10.39 -52.89
N GLN B 13 5.75 11.02 -53.90
CA GLN B 13 6.13 12.39 -54.19
C GLN B 13 5.50 13.38 -53.21
N GLU B 14 4.20 13.25 -52.95
CA GLU B 14 3.50 14.37 -52.34
C GLU B 14 3.57 14.31 -50.82
N ALA B 15 3.45 13.10 -50.26
CA ALA B 15 3.40 12.95 -48.81
C ALA B 15 4.77 13.10 -48.17
N GLU B 16 5.80 12.51 -48.79
CA GLU B 16 7.17 12.66 -48.27
C GLU B 16 7.79 14.00 -48.65
N GLN B 17 7.10 14.81 -49.45
CA GLN B 17 7.56 16.17 -49.71
C GLN B 17 7.12 17.10 -48.60
N LEU B 18 5.88 16.99 -48.13
CA LEU B 18 5.38 17.89 -47.10
C LEU B 18 6.13 17.70 -45.79
N LYS B 19 6.71 16.53 -45.55
CA LYS B 19 7.57 16.39 -44.38
C LYS B 19 8.92 17.06 -44.58
N ASN B 20 9.30 17.33 -45.83
CA ASN B 20 10.52 18.10 -46.09
C ASN B 20 10.27 19.60 -46.10
N GLN B 21 9.02 20.03 -46.24
CA GLN B 21 8.70 21.44 -46.04
C GLN B 21 8.59 21.80 -44.57
N ILE B 22 8.27 20.84 -43.71
CA ILE B 22 8.14 21.11 -42.29
C ILE B 22 9.50 21.10 -41.61
N ARG B 23 10.37 20.16 -41.98
CA ARG B 23 11.69 20.11 -41.36
C ARG B 23 12.54 21.31 -41.73
N ASP B 24 12.19 22.04 -42.78
CA ASP B 24 12.93 23.24 -43.16
C ASP B 24 12.29 24.53 -42.66
N ALA B 25 11.01 24.49 -42.24
CA ALA B 25 10.41 25.66 -41.60
C ALA B 25 10.76 25.72 -40.11
N ARG B 26 10.93 24.57 -39.46
CA ARG B 26 11.38 24.56 -38.08
C ARG B 26 12.81 25.04 -37.96
N LYS B 27 13.60 24.90 -39.02
CA LYS B 27 14.97 25.33 -39.04
C LYS B 27 15.11 26.80 -39.41
N ALA B 28 14.09 27.37 -40.04
CA ALA B 28 14.05 28.79 -40.36
C ALA B 28 13.59 29.66 -39.21
N CYS B 29 13.23 29.07 -38.07
CA CYS B 29 12.88 29.85 -36.90
C CYS B 29 13.78 29.58 -35.71
N ALA B 30 14.71 28.62 -35.81
CA ALA B 30 15.58 28.27 -34.69
C ALA B 30 16.91 29.00 -34.81
N ASP B 31 16.86 30.31 -34.61
CA ASP B 31 18.05 31.13 -34.73
C ASP B 31 18.99 30.97 -33.54
N ALA B 32 18.45 30.90 -32.32
CA ALA B 32 19.24 30.76 -31.10
C ALA B 32 18.66 29.63 -30.26
N THR B 33 19.49 29.13 -29.35
CA THR B 33 19.11 28.00 -28.52
C THR B 33 18.84 28.47 -27.08
N LEU B 34 18.00 27.71 -26.38
CA LEU B 34 17.58 28.09 -25.03
C LEU B 34 18.77 28.18 -24.09
N SER B 35 19.64 27.18 -24.12
CA SER B 35 20.71 27.07 -23.14
C SER B 35 21.86 28.02 -23.40
N GLN B 36 21.72 28.95 -24.35
CA GLN B 36 22.65 30.06 -24.45
C GLN B 36 22.08 31.30 -23.78
N ILE B 37 20.83 31.66 -24.10
CA ILE B 37 20.25 32.85 -23.48
C ILE B 37 20.00 32.64 -21.99
N THR B 38 19.83 31.40 -21.54
CA THR B 38 19.76 31.08 -20.12
C THR B 38 21.17 30.91 -19.55
N ASN B 39 22.00 31.88 -19.85
CA ASN B 39 23.37 31.92 -19.37
C ASN B 39 23.55 33.24 -18.62
N ASN B 40 24.38 33.19 -17.58
CA ASN B 40 24.52 34.33 -16.68
C ASN B 40 23.21 34.62 -15.95
N ILE B 41 22.61 33.56 -15.42
CA ILE B 41 21.57 33.68 -14.39
C ILE B 41 21.96 32.75 -13.26
N ASP B 42 21.41 33.02 -12.08
CA ASP B 42 21.85 32.31 -10.90
C ASP B 42 21.33 30.89 -10.88
N PRO B 43 22.14 29.94 -10.40
CA PRO B 43 21.63 28.59 -10.13
C PRO B 43 20.60 28.58 -9.02
N VAL B 44 20.12 27.39 -8.64
CA VAL B 44 19.18 27.31 -7.53
C VAL B 44 19.78 26.66 -6.29
N GLY B 45 20.99 26.12 -6.38
CA GLY B 45 21.66 25.53 -5.24
C GLY B 45 21.00 24.23 -4.82
N ARG B 46 21.71 23.49 -3.97
CA ARG B 46 21.24 22.17 -3.57
C ARG B 46 19.90 22.24 -2.87
N ILE B 47 19.08 21.23 -3.11
CA ILE B 47 17.69 21.17 -2.68
C ILE B 47 17.50 19.84 -1.97
N GLN B 48 17.70 19.83 -0.65
CA GLN B 48 17.30 18.68 0.15
C GLN B 48 15.90 18.91 0.68
N MET B 49 15.09 17.84 0.66
CA MET B 49 13.76 17.83 1.24
C MET B 49 13.68 16.63 2.17
N ARG B 50 12.66 16.61 3.03
CA ARG B 50 12.54 15.55 4.02
C ARG B 50 11.12 15.00 4.08
N THR B 51 11.04 13.70 4.33
CA THR B 51 9.78 12.95 4.41
C THR B 51 8.96 13.43 5.60
N ARG B 52 7.86 14.15 5.33
CA ARG B 52 7.07 14.72 6.40
C ARG B 52 5.98 13.77 6.90
N ARG B 53 5.35 13.02 6.01
CA ARG B 53 4.31 12.07 6.36
C ARG B 53 4.58 10.75 5.66
N THR B 54 3.97 9.68 6.14
CA THR B 54 4.05 8.38 5.46
C THR B 54 2.72 7.67 5.65
N LEU B 55 2.17 7.15 4.55
CA LEU B 55 0.79 6.71 4.49
C LEU B 55 0.73 5.20 4.33
N ARG B 56 0.22 4.52 5.34
CA ARG B 56 0.25 3.06 5.42
C ARG B 56 -1.16 2.50 5.32
N GLY B 57 -1.30 1.34 4.70
CA GLY B 57 -2.60 0.72 4.58
C GLY B 57 -2.90 -0.08 3.34
N HIS B 58 -2.24 0.17 2.21
CA HIS B 58 -2.34 -0.72 1.06
C HIS B 58 -1.51 -1.97 1.29
N LEU B 59 -1.90 -3.06 0.62
CA LEU B 59 -1.27 -4.37 0.81
C LEU B 59 -0.54 -4.88 -0.43
N ALA B 60 -0.68 -4.21 -1.58
CA ALA B 60 -0.06 -4.64 -2.82
C ALA B 60 0.55 -3.42 -3.50
N LYS B 61 1.00 -3.56 -4.75
CA LYS B 61 1.64 -2.44 -5.43
C LYS B 61 0.66 -1.32 -5.73
N ILE B 62 1.15 -0.09 -5.59
CA ILE B 62 0.37 1.12 -5.86
C ILE B 62 0.70 1.59 -7.27
N TYR B 63 -0.34 1.89 -8.05
CA TYR B 63 -0.20 2.25 -9.46
C TYR B 63 -0.53 3.69 -9.83
N ALA B 64 -1.28 4.43 -9.02
CA ALA B 64 -1.70 5.77 -9.42
C ALA B 64 -2.20 6.54 -8.21
N MET B 65 -2.27 7.86 -8.37
CA MET B 65 -2.58 8.84 -7.31
C MET B 65 -2.99 10.15 -7.95
N HIS B 66 -3.80 10.95 -7.26
CA HIS B 66 -4.19 12.29 -7.74
C HIS B 66 -4.65 13.17 -6.59
N TRP B 67 -4.21 14.43 -6.57
CA TRP B 67 -4.58 15.38 -5.53
C TRP B 67 -5.96 15.98 -5.74
N GLY B 68 -6.66 16.28 -4.63
CA GLY B 68 -7.82 17.12 -4.70
C GLY B 68 -7.44 18.59 -4.80
N THR B 69 -8.43 19.42 -5.17
CA THR B 69 -8.16 20.83 -5.48
C THR B 69 -7.95 21.70 -4.25
N ASP B 70 -8.37 21.27 -3.07
CA ASP B 70 -8.09 22.03 -1.86
C ASP B 70 -6.71 21.79 -1.27
N SER B 71 -5.95 20.85 -1.84
CA SER B 71 -4.58 20.54 -1.46
C SER B 71 -4.48 19.74 -0.16
N ARG B 72 -5.56 19.11 0.29
CA ARG B 72 -5.51 18.38 1.55
C ARG B 72 -5.94 16.94 1.43
N LEU B 73 -6.92 16.63 0.58
CA LEU B 73 -7.36 15.27 0.35
C LEU B 73 -6.70 14.72 -0.91
N LEU B 74 -6.62 13.39 -1.00
CA LEU B 74 -6.10 12.73 -2.18
C LEU B 74 -6.63 11.31 -2.24
N VAL B 75 -6.56 10.70 -3.43
CA VAL B 75 -7.03 9.35 -3.67
C VAL B 75 -5.88 8.53 -4.27
N SER B 76 -5.92 7.21 -4.07
CA SER B 76 -4.89 6.32 -4.55
C SER B 76 -5.48 4.95 -4.86
N ALA B 77 -4.84 4.24 -5.80
CA ALA B 77 -5.32 2.97 -6.31
C ALA B 77 -4.21 1.93 -6.29
N SER B 78 -4.55 0.67 -6.02
CA SER B 78 -3.54 -0.38 -6.00
C SER B 78 -4.14 -1.71 -6.44
N GLN B 79 -3.25 -2.67 -6.69
CA GLN B 79 -3.62 -3.92 -7.35
C GLN B 79 -4.38 -4.86 -6.43
N ASP B 80 -4.31 -4.65 -5.12
CA ASP B 80 -5.38 -5.15 -4.26
C ASP B 80 -6.59 -4.25 -4.46
N GLY B 81 -7.75 -4.83 -4.71
CA GLY B 81 -8.81 -4.02 -5.27
C GLY B 81 -9.40 -3.00 -4.32
N LYS B 82 -8.64 -1.96 -3.96
CA LYS B 82 -9.12 -0.92 -3.07
C LYS B 82 -8.79 0.45 -3.62
N LEU B 83 -9.63 1.42 -3.25
CA LEU B 83 -9.46 2.82 -3.61
C LEU B 83 -9.68 3.61 -2.34
N ILE B 84 -8.65 4.30 -1.86
CA ILE B 84 -8.66 4.96 -0.55
C ILE B 84 -8.57 6.47 -0.72
N ILE B 85 -9.36 7.19 0.08
CA ILE B 85 -9.29 8.65 0.15
C ILE B 85 -8.69 9.03 1.50
N TRP B 86 -7.62 9.81 1.47
CA TRP B 86 -6.77 10.12 2.60
C TRP B 86 -6.92 11.57 3.02
N ASP B 87 -6.75 11.81 4.30
CA ASP B 87 -6.62 13.15 4.88
C ASP B 87 -5.15 13.32 5.22
N SER B 88 -4.47 14.20 4.50
CA SER B 88 -3.01 14.20 4.57
C SER B 88 -2.44 15.04 5.70
N TYR B 89 -3.21 15.94 6.32
CA TYR B 89 -2.69 16.64 7.49
C TYR B 89 -2.63 15.70 8.67
N THR B 90 -3.79 15.25 9.13
CA THR B 90 -3.91 14.18 10.11
C THR B 90 -4.10 12.91 9.32
N THR B 91 -3.15 11.98 9.35
CA THR B 91 -3.09 11.00 8.27
C THR B 91 -4.21 9.95 8.34
N ASN B 92 -5.47 10.39 8.41
CA ASN B 92 -6.63 9.54 8.59
C ASN B 92 -7.14 9.03 7.26
N LYS B 93 -7.79 7.87 7.30
CA LYS B 93 -8.51 7.36 6.15
C LYS B 93 -9.94 7.86 6.22
N VAL B 94 -10.43 8.47 5.15
CA VAL B 94 -11.77 9.02 5.10
C VAL B 94 -12.76 8.03 4.51
N HIS B 95 -12.45 7.45 3.36
CA HIS B 95 -13.27 6.42 2.72
C HIS B 95 -12.38 5.27 2.28
N ALA B 96 -12.99 4.09 2.13
CA ALA B 96 -12.34 2.97 1.46
C ALA B 96 -13.38 2.33 0.54
N ILE B 97 -13.02 2.17 -0.72
CA ILE B 97 -13.95 1.77 -1.77
C ILE B 97 -13.50 0.43 -2.34
N PRO B 98 -14.37 -0.56 -2.45
CA PRO B 98 -13.99 -1.81 -3.12
C PRO B 98 -14.32 -1.84 -4.60
N LEU B 99 -13.39 -2.33 -5.41
CA LEU B 99 -13.54 -2.34 -6.86
C LEU B 99 -13.95 -3.73 -7.33
N ARG B 100 -14.74 -3.78 -8.40
CA ARG B 100 -15.10 -5.07 -9.01
C ARG B 100 -13.87 -5.87 -9.42
N SER B 101 -13.03 -5.34 -10.29
CA SER B 101 -11.81 -6.04 -10.65
C SER B 101 -10.60 -5.44 -9.94
N SER B 102 -9.50 -6.19 -9.99
CA SER B 102 -8.29 -5.86 -9.24
C SER B 102 -7.19 -5.25 -10.10
N TRP B 103 -7.35 -5.22 -11.42
CA TRP B 103 -6.24 -4.85 -12.31
C TRP B 103 -6.45 -3.40 -12.78
N VAL B 104 -6.14 -2.47 -11.88
CA VAL B 104 -6.44 -1.05 -12.04
C VAL B 104 -5.18 -0.29 -12.39
N MET B 105 -5.31 0.73 -13.25
CA MET B 105 -4.17 1.46 -13.76
C MET B 105 -4.28 2.98 -13.73
N THR B 106 -5.40 3.56 -13.30
CA THR B 106 -5.52 5.02 -13.24
C THR B 106 -6.65 5.41 -12.28
N CYS B 107 -6.60 6.67 -11.83
CA CYS B 107 -7.61 7.27 -10.97
C CYS B 107 -7.57 8.79 -11.14
N ALA B 108 -8.69 9.44 -10.87
CA ALA B 108 -8.79 10.88 -11.02
C ALA B 108 -9.78 11.43 -9.99
N TYR B 109 -9.65 12.71 -9.69
CA TYR B 109 -10.51 13.39 -8.74
C TYR B 109 -11.29 14.46 -9.48
N ALA B 110 -12.58 14.60 -9.21
CA ALA B 110 -13.33 15.70 -9.81
C ALA B 110 -12.94 17.03 -9.14
N PRO B 111 -12.84 18.12 -9.91
CA PRO B 111 -12.42 19.40 -9.30
C PRO B 111 -13.38 19.95 -8.26
N SER B 112 -14.69 19.75 -8.44
CA SER B 112 -15.66 20.16 -7.42
C SER B 112 -15.49 19.37 -6.13
N GLY B 113 -14.97 18.15 -6.21
CA GLY B 113 -14.82 17.29 -5.07
C GLY B 113 -15.95 16.33 -4.83
N ASN B 114 -16.89 16.17 -5.78
CA ASN B 114 -18.03 15.30 -5.58
C ASN B 114 -17.85 13.90 -6.13
N TYR B 115 -16.92 13.70 -7.06
CA TYR B 115 -16.81 12.44 -7.79
C TYR B 115 -15.35 12.02 -7.87
N VAL B 116 -15.16 10.76 -8.24
CA VAL B 116 -13.85 10.16 -8.49
C VAL B 116 -14.03 9.10 -9.57
N ALA B 117 -12.98 8.83 -10.35
CA ALA B 117 -13.07 7.89 -11.47
C ALA B 117 -11.96 6.85 -11.39
N CYS B 118 -12.15 5.73 -12.09
CA CYS B 118 -11.26 4.58 -11.99
C CYS B 118 -11.36 3.70 -13.24
N GLY B 119 -10.25 3.04 -13.60
CA GLY B 119 -10.24 2.16 -14.77
C GLY B 119 -8.97 1.33 -14.86
N GLY B 120 -8.97 0.38 -15.80
CA GLY B 120 -7.83 -0.52 -15.96
C GLY B 120 -7.92 -1.55 -17.07
N LEU B 121 -7.51 -2.80 -16.80
CA LEU B 121 -7.50 -3.89 -17.79
C LEU B 121 -8.87 -4.51 -18.03
N ASP B 122 -9.95 -3.87 -17.59
CA ASP B 122 -11.31 -4.33 -17.86
C ASP B 122 -11.98 -3.56 -18.99
N ASN B 123 -11.36 -2.49 -19.46
CA ASN B 123 -11.83 -1.64 -20.55
C ASN B 123 -13.01 -0.75 -20.16
N ILE B 124 -13.13 -0.35 -18.90
CA ILE B 124 -14.26 0.44 -18.45
C ILE B 124 -13.76 1.58 -17.56
N CYS B 125 -14.52 2.69 -17.54
CA CYS B 125 -14.28 3.82 -16.66
C CYS B 125 -15.48 3.97 -15.73
N SER B 126 -15.27 3.71 -14.44
CA SER B 126 -16.33 3.72 -13.44
C SER B 126 -16.34 5.04 -12.68
N ILE B 127 -17.53 5.58 -12.48
CA ILE B 127 -17.74 6.83 -11.76
C ILE B 127 -18.39 6.51 -10.42
N TYR B 128 -17.96 7.21 -9.36
CA TYR B 128 -18.43 6.97 -8.00
C TYR B 128 -18.91 8.27 -7.39
N ASN B 129 -20.10 8.24 -6.80
CA ASN B 129 -20.66 9.41 -6.13
C ASN B 129 -20.25 9.41 -4.67
N LEU B 130 -19.65 10.51 -4.22
CA LEU B 130 -19.17 10.60 -2.84
C LEU B 130 -20.19 11.21 -1.90
N LYS B 131 -21.16 11.97 -2.40
CA LYS B 131 -22.15 12.66 -1.58
C LYS B 131 -23.53 12.04 -1.78
N THR B 132 -23.99 11.26 -0.82
CA THR B 132 -25.32 10.66 -0.91
C THR B 132 -26.09 10.93 0.38
N ARG B 133 -27.40 10.67 0.31
CA ARG B 133 -28.26 10.79 1.47
C ARG B 133 -28.20 9.55 2.37
N GLU B 134 -27.55 8.49 1.93
CA GLU B 134 -27.48 7.24 2.66
C GLU B 134 -26.21 7.09 3.47
N GLY B 135 -25.12 7.74 3.06
CA GLY B 135 -23.92 7.75 3.84
C GLY B 135 -22.81 6.83 3.38
N ASN B 136 -22.94 6.21 2.22
CA ASN B 136 -21.90 5.36 1.65
C ASN B 136 -21.60 5.80 0.22
N VAL B 137 -20.54 5.23 -0.34
CA VAL B 137 -20.09 5.55 -1.69
C VAL B 137 -20.55 4.45 -2.63
N ARG B 138 -21.36 4.81 -3.63
CA ARG B 138 -21.93 3.86 -4.58
C ARG B 138 -21.59 4.24 -6.01
N VAL B 139 -21.52 3.21 -6.85
CA VAL B 139 -21.21 3.42 -8.26
C VAL B 139 -22.31 4.24 -8.91
N SER B 140 -21.90 5.11 -9.83
CA SER B 140 -22.83 6.00 -10.48
C SER B 140 -22.92 5.82 -11.99
N ARG B 141 -21.93 5.19 -12.63
CA ARG B 141 -21.92 5.07 -14.08
C ARG B 141 -20.76 4.21 -14.52
N GLU B 142 -20.94 3.48 -15.62
CA GLU B 142 -19.87 2.72 -16.26
C GLU B 142 -19.86 3.02 -17.76
N LEU B 143 -18.68 3.30 -18.30
CA LEU B 143 -18.53 3.78 -19.67
C LEU B 143 -17.77 2.74 -20.48
N ALA B 144 -18.46 2.07 -21.39
CA ALA B 144 -17.89 0.98 -22.18
C ALA B 144 -17.77 1.39 -23.65
N GLY B 145 -16.85 0.74 -24.35
CA GLY B 145 -16.57 1.10 -25.74
C GLY B 145 -15.13 0.98 -26.17
N HIS B 146 -14.18 1.20 -25.27
CA HIS B 146 -12.78 0.96 -25.61
C HIS B 146 -12.52 -0.52 -25.82
N THR B 147 -11.47 -0.82 -26.57
CA THR B 147 -11.11 -2.18 -26.92
C THR B 147 -9.80 -2.62 -26.31
N GLY B 148 -9.02 -1.70 -25.74
CA GLY B 148 -7.83 -2.05 -25.00
C GLY B 148 -7.90 -1.47 -23.59
N TYR B 149 -6.87 -1.78 -22.82
CA TYR B 149 -6.78 -1.34 -21.45
C TYR B 149 -6.77 0.18 -21.36
N LEU B 150 -7.49 0.72 -20.37
CA LEU B 150 -7.47 2.16 -20.13
C LEU B 150 -6.21 2.57 -19.38
N SER B 151 -5.61 3.68 -19.80
CA SER B 151 -4.35 4.12 -19.23
C SER B 151 -4.36 5.51 -18.60
N CYS B 152 -5.41 6.32 -18.80
CA CYS B 152 -5.48 7.60 -18.14
C CYS B 152 -6.86 8.21 -18.37
N CYS B 153 -7.25 9.14 -17.51
CA CYS B 153 -8.55 9.80 -17.55
C CYS B 153 -8.49 11.07 -16.70
N ARG B 154 -9.25 12.09 -17.10
CA ARG B 154 -9.27 13.39 -16.42
C ARG B 154 -10.61 14.09 -16.57
N PHE B 155 -11.17 14.56 -15.45
CA PHE B 155 -12.41 15.32 -15.46
C PHE B 155 -12.20 16.71 -16.03
N LEU B 156 -13.20 17.20 -16.76
CA LEU B 156 -13.28 18.61 -17.10
C LEU B 156 -14.21 19.36 -16.15
N ASP B 157 -15.35 18.78 -15.84
CA ASP B 157 -16.27 19.29 -14.84
C ASP B 157 -17.14 18.11 -14.39
N ASP B 158 -18.24 18.38 -13.71
CA ASP B 158 -19.02 17.28 -13.16
C ASP B 158 -19.69 16.40 -14.21
N ASN B 159 -19.64 16.76 -15.50
CA ASN B 159 -20.36 16.01 -16.52
C ASN B 159 -19.48 15.44 -17.64
N GLN B 160 -18.24 15.93 -17.82
CA GLN B 160 -17.41 15.53 -18.96
C GLN B 160 -16.08 14.94 -18.50
N ILE B 161 -15.53 14.02 -19.29
CA ILE B 161 -14.28 13.34 -18.96
C ILE B 161 -13.64 12.80 -20.24
N VAL B 162 -12.30 12.85 -20.31
CA VAL B 162 -11.52 12.37 -21.45
C VAL B 162 -10.71 11.14 -21.04
N THR B 163 -10.63 10.14 -21.92
CA THR B 163 -9.90 8.91 -21.66
C THR B 163 -8.96 8.58 -22.82
N SER B 164 -7.82 7.98 -22.49
CA SER B 164 -6.87 7.46 -23.46
C SER B 164 -6.75 5.95 -23.28
N SER B 165 -6.47 5.26 -24.37
CA SER B 165 -6.63 3.81 -24.36
C SER B 165 -5.51 3.12 -25.10
N GLY B 166 -5.32 1.85 -24.76
CA GLY B 166 -4.35 0.99 -25.41
C GLY B 166 -4.74 0.46 -26.77
N ASP B 167 -5.89 0.85 -27.31
CA ASP B 167 -6.24 0.54 -28.69
C ASP B 167 -5.89 1.66 -29.66
N THR B 168 -4.99 2.56 -29.27
CA THR B 168 -4.44 3.67 -30.07
C THR B 168 -5.36 4.87 -30.18
N THR B 169 -6.35 5.03 -29.32
CA THR B 169 -7.36 6.05 -29.48
C THR B 169 -7.60 6.79 -28.16
N CYS B 170 -8.04 8.04 -28.26
CA CYS B 170 -8.59 8.80 -27.15
C CYS B 170 -10.07 9.06 -27.42
N ALA B 171 -10.80 9.52 -26.42
CA ALA B 171 -12.23 9.71 -26.56
C ALA B 171 -12.78 10.66 -25.51
N LEU B 172 -13.83 11.38 -25.88
CA LEU B 172 -14.52 12.32 -25.00
C LEU B 172 -15.92 11.80 -24.71
N TRP B 173 -16.33 11.88 -23.45
CA TRP B 173 -17.54 11.22 -22.98
C TRP B 173 -18.53 12.22 -22.40
N ASP B 174 -19.77 11.80 -22.33
CA ASP B 174 -20.84 12.52 -21.67
C ASP B 174 -21.34 11.64 -20.54
N ILE B 175 -21.45 12.20 -19.34
CA ILE B 175 -21.78 11.36 -18.20
C ILE B 175 -23.28 11.23 -17.96
N GLU B 176 -24.07 12.24 -18.34
CA GLU B 176 -25.53 12.14 -18.29
C GLU B 176 -26.04 10.87 -18.96
N THR B 177 -25.82 10.74 -20.27
CA THR B 177 -25.93 9.46 -20.94
C THR B 177 -24.62 8.72 -20.74
N GLY B 178 -24.42 7.62 -21.44
CA GLY B 178 -23.17 6.92 -21.28
C GLY B 178 -22.43 6.80 -22.59
N GLN B 179 -22.46 7.86 -23.38
CA GLN B 179 -22.03 7.80 -24.76
C GLN B 179 -20.87 8.75 -25.01
N GLN B 180 -19.93 8.31 -25.83
CA GLN B 180 -18.77 9.10 -26.20
C GLN B 180 -19.14 10.03 -27.34
N THR B 181 -18.94 11.33 -27.14
CA THR B 181 -19.43 12.31 -28.10
C THR B 181 -18.42 12.66 -29.17
N THR B 182 -17.13 12.45 -28.93
CA THR B 182 -16.08 12.77 -29.89
C THR B 182 -15.00 11.69 -29.81
N THR B 183 -14.18 11.60 -30.86
CA THR B 183 -13.14 10.58 -30.90
C THR B 183 -11.88 11.17 -31.54
N PHE B 184 -10.73 10.55 -31.27
CA PHE B 184 -9.41 11.07 -31.63
C PHE B 184 -8.55 9.91 -32.12
N THR B 185 -8.05 9.97 -33.37
CA THR B 185 -7.60 8.74 -34.03
C THR B 185 -6.13 8.68 -34.48
N GLY B 186 -5.43 9.81 -34.62
CA GLY B 186 -4.22 9.83 -35.44
C GLY B 186 -3.11 8.88 -35.05
N HIS B 187 -2.97 8.56 -33.76
CA HIS B 187 -1.82 7.78 -33.29
C HIS B 187 -1.76 6.41 -33.95
N THR B 188 -0.57 5.81 -33.95
CA THR B 188 -0.38 4.45 -34.47
C THR B 188 0.26 3.51 -33.45
N GLY B 189 0.27 3.86 -32.17
CA GLY B 189 0.69 2.95 -31.12
C GLY B 189 -0.25 3.07 -29.93
N ASP B 190 0.08 2.35 -28.86
CA ASP B 190 -0.71 2.44 -27.64
C ASP B 190 -0.47 3.79 -26.97
N VAL B 191 -1.55 4.50 -26.64
CA VAL B 191 -1.45 5.79 -25.97
C VAL B 191 -1.28 5.53 -24.47
N MET B 192 -0.32 6.21 -23.85
CA MET B 192 0.05 5.91 -22.47
C MET B 192 -0.35 6.97 -21.46
N SER B 193 -0.64 8.20 -21.88
CA SER B 193 -0.85 9.28 -20.92
C SER B 193 -1.44 10.49 -21.61
N LEU B 194 -1.98 11.41 -20.80
CA LEU B 194 -2.50 12.67 -21.31
C LEU B 194 -2.56 13.70 -20.19
N SER B 195 -2.74 14.96 -20.59
CA SER B 195 -2.63 16.11 -19.71
C SER B 195 -3.45 17.26 -20.27
N LEU B 196 -4.18 17.97 -19.42
CA LEU B 196 -5.09 19.01 -19.88
C LEU B 196 -4.48 20.40 -19.74
N ALA B 197 -4.85 21.28 -20.66
CA ALA B 197 -4.46 22.67 -20.60
C ALA B 197 -4.99 23.34 -19.34
N PRO B 198 -4.35 24.42 -18.89
CA PRO B 198 -4.84 25.12 -17.70
C PRO B 198 -6.26 25.66 -17.82
N ASP B 199 -6.75 25.99 -19.01
CA ASP B 199 -8.14 26.42 -19.13
C ASP B 199 -9.04 25.37 -19.77
N THR B 200 -8.49 24.21 -20.15
CA THR B 200 -9.25 23.07 -20.65
C THR B 200 -9.86 23.36 -22.02
N ARG B 201 -9.05 23.90 -22.92
CA ARG B 201 -9.38 23.97 -24.34
C ARG B 201 -8.56 23.02 -25.18
N LEU B 202 -7.36 22.69 -24.74
CA LEU B 202 -6.43 21.83 -25.45
C LEU B 202 -6.00 20.71 -24.52
N PHE B 203 -5.43 19.64 -25.08
CA PHE B 203 -4.72 18.65 -24.30
C PHE B 203 -3.71 17.95 -25.20
N VAL B 204 -2.76 17.25 -24.57
CA VAL B 204 -1.70 16.55 -25.29
C VAL B 204 -1.68 15.10 -24.83
N SER B 205 -1.13 14.23 -25.68
CA SER B 205 -0.96 12.82 -25.37
C SER B 205 0.32 12.29 -26.00
N GLY B 206 0.86 11.23 -25.42
CA GLY B 206 2.04 10.58 -25.95
C GLY B 206 1.85 9.09 -26.08
N ALA B 207 2.40 8.52 -27.14
CA ALA B 207 2.13 7.14 -27.50
C ALA B 207 3.42 6.35 -27.63
N CYS B 208 3.28 5.04 -27.88
CA CYS B 208 4.40 4.13 -28.05
C CYS B 208 5.01 4.17 -29.44
N ASP B 209 4.46 4.96 -30.35
CA ASP B 209 5.11 5.27 -31.60
C ASP B 209 6.15 6.37 -31.47
N ALA B 210 6.38 6.84 -30.24
CA ALA B 210 7.41 7.81 -29.90
C ALA B 210 7.07 9.23 -30.37
N SER B 211 5.80 9.60 -30.31
CA SER B 211 5.37 10.93 -30.71
C SER B 211 4.34 11.47 -29.73
N ALA B 212 4.14 12.78 -29.77
CA ALA B 212 3.14 13.47 -28.96
C ALA B 212 2.28 14.35 -29.85
N LYS B 213 1.03 14.57 -29.46
CA LYS B 213 0.08 15.28 -30.30
C LYS B 213 -0.71 16.30 -29.49
N LEU B 214 -1.07 17.39 -30.16
CA LEU B 214 -1.89 18.47 -29.59
C LEU B 214 -3.28 18.38 -30.20
N TRP B 215 -4.31 18.28 -29.37
CA TRP B 215 -5.67 18.12 -29.83
C TRP B 215 -6.51 19.33 -29.43
N ASP B 216 -7.57 19.58 -30.19
CA ASP B 216 -8.58 20.56 -29.84
C ASP B 216 -9.81 19.82 -29.35
N VAL B 217 -10.43 20.31 -28.27
CA VAL B 217 -11.48 19.55 -27.62
C VAL B 217 -12.82 19.73 -28.33
N ARG B 218 -13.19 20.97 -28.67
CA ARG B 218 -14.50 21.18 -29.24
C ARG B 218 -14.55 20.78 -30.71
N GLU B 219 -13.43 20.90 -31.42
CA GLU B 219 -13.43 20.48 -32.82
C GLU B 219 -13.21 18.97 -32.94
N GLY B 220 -12.03 18.51 -32.56
CA GLY B 220 -11.73 17.09 -32.63
C GLY B 220 -10.64 16.76 -33.62
N MET B 221 -9.72 17.70 -33.84
CA MET B 221 -8.71 17.60 -34.88
C MET B 221 -7.32 17.83 -34.30
N CYS B 222 -6.35 17.11 -34.85
CA CYS B 222 -4.97 17.30 -34.45
C CYS B 222 -4.43 18.60 -35.02
N ARG B 223 -3.59 19.27 -34.24
CA ARG B 223 -2.99 20.53 -34.65
C ARG B 223 -1.49 20.46 -34.89
N GLN B 224 -0.74 19.69 -34.09
CA GLN B 224 0.71 19.64 -34.26
C GLN B 224 1.21 18.27 -33.80
N THR B 225 2.34 17.84 -34.38
CA THR B 225 2.99 16.60 -33.97
C THR B 225 4.44 16.89 -33.59
N PHE B 226 4.96 16.15 -32.62
CA PHE B 226 6.29 16.40 -32.08
C PHE B 226 7.07 15.09 -32.04
N THR B 227 8.32 15.11 -32.52
CA THR B 227 9.10 13.87 -32.69
C THR B 227 10.54 14.12 -32.25
N GLY B 228 10.88 13.70 -31.04
CA GLY B 228 12.27 13.73 -30.60
C GLY B 228 12.84 12.45 -30.04
N HIS B 229 12.02 11.59 -29.45
CA HIS B 229 12.54 10.48 -28.67
C HIS B 229 12.88 9.28 -29.53
N GLU B 230 13.65 8.35 -28.96
CA GLU B 230 14.02 7.09 -29.61
C GLU B 230 13.12 5.92 -29.21
N SER B 231 12.40 6.01 -28.11
CA SER B 231 11.61 4.89 -27.64
C SER B 231 10.26 5.42 -27.16
N ASP B 232 9.54 4.57 -26.42
CA ASP B 232 8.17 4.89 -25.99
C ASP B 232 8.16 6.09 -25.06
N ILE B 233 7.02 6.78 -25.02
CA ILE B 233 6.78 7.87 -24.10
C ILE B 233 5.87 7.38 -22.98
N ASN B 234 6.31 7.52 -21.73
CA ASN B 234 5.52 7.02 -20.61
C ASN B 234 4.70 8.10 -19.90
N ALA B 235 5.16 9.34 -19.82
CA ALA B 235 4.48 10.38 -19.07
C ALA B 235 4.63 11.73 -19.77
N ILE B 236 3.79 12.68 -19.36
CA ILE B 236 3.71 13.99 -20.03
C ILE B 236 3.03 14.97 -19.08
N CYS B 237 3.33 16.26 -19.25
CA CYS B 237 2.79 17.30 -18.37
C CYS B 237 2.88 18.68 -19.03
N PHE B 238 1.87 19.52 -18.80
CA PHE B 238 1.91 20.92 -19.21
C PHE B 238 2.67 21.80 -18.22
N PHE B 239 3.34 22.80 -18.76
CA PHE B 239 3.99 23.90 -18.07
C PHE B 239 2.93 24.88 -17.55
N PRO B 240 3.13 25.48 -16.37
CA PRO B 240 2.07 26.33 -15.79
C PRO B 240 1.64 27.48 -16.67
N ASN B 241 2.56 28.04 -17.45
CA ASN B 241 2.21 29.10 -18.39
C ASN B 241 1.12 28.65 -19.35
N GLY B 242 1.21 27.42 -19.83
CA GLY B 242 0.30 26.91 -20.83
C GLY B 242 0.85 26.84 -22.24
N ASN B 243 2.14 27.12 -22.44
CA ASN B 243 2.72 27.19 -23.78
C ASN B 243 3.94 26.28 -23.95
N ALA B 244 4.13 25.31 -23.06
CA ALA B 244 5.15 24.30 -23.23
C ALA B 244 4.70 23.05 -22.50
N PHE B 245 5.38 21.94 -22.76
CA PHE B 245 5.08 20.69 -22.07
C PHE B 245 6.33 19.83 -22.08
N ALA B 246 6.38 18.87 -21.15
CA ALA B 246 7.52 17.99 -21.01
C ALA B 246 7.06 16.53 -21.02
N THR B 247 7.91 15.68 -21.57
CA THR B 247 7.62 14.27 -21.76
C THR B 247 8.79 13.45 -21.24
N GLY B 248 8.48 12.31 -20.62
CA GLY B 248 9.52 11.39 -20.19
C GLY B 248 9.42 10.05 -20.88
N SER B 249 10.51 9.54 -21.44
CA SER B 249 10.45 8.35 -22.26
C SER B 249 11.17 7.18 -21.61
N ASP B 250 11.20 6.08 -22.33
CA ASP B 250 11.75 4.81 -21.90
C ASP B 250 13.24 4.69 -22.21
N ASP B 251 13.85 5.75 -22.76
CA ASP B 251 15.27 5.78 -23.08
C ASP B 251 16.07 6.63 -22.09
N ALA B 252 15.50 6.91 -20.92
CA ALA B 252 16.19 7.59 -19.82
C ALA B 252 16.43 9.07 -20.09
N THR B 253 15.57 9.71 -20.86
CA THR B 253 15.67 11.13 -21.13
C THR B 253 14.32 11.80 -20.88
N CYS B 254 14.36 13.10 -20.58
CA CYS B 254 13.21 13.99 -20.61
C CYS B 254 13.47 15.08 -21.65
N ARG B 255 12.43 15.79 -22.07
CA ARG B 255 12.57 16.82 -23.09
C ARG B 255 11.56 17.93 -22.87
N LEU B 256 11.87 19.11 -23.40
CA LEU B 256 10.99 20.26 -23.33
C LEU B 256 10.63 20.70 -24.74
N PHE B 257 9.34 20.97 -24.97
CA PHE B 257 8.81 21.39 -26.26
C PHE B 257 8.11 22.73 -26.13
N ASP B 258 8.14 23.51 -27.19
CA ASP B 258 7.54 24.83 -27.25
C ASP B 258 6.41 24.81 -28.27
N LEU B 259 5.21 25.26 -27.87
CA LEU B 259 4.08 25.15 -28.77
C LEU B 259 4.08 26.20 -29.88
N ARG B 260 4.64 27.38 -29.63
CA ARG B 260 4.61 28.41 -30.67
C ARG B 260 5.87 28.44 -31.52
N ALA B 261 6.98 27.88 -31.04
CA ALA B 261 8.11 27.68 -31.93
C ALA B 261 8.00 26.38 -32.69
N ASP B 262 7.20 25.44 -32.19
CA ASP B 262 6.81 24.19 -32.83
C ASP B 262 7.91 23.13 -32.76
N GLN B 263 8.90 23.25 -31.89
CA GLN B 263 10.01 22.31 -31.84
C GLN B 263 10.55 22.20 -30.43
N GLU B 264 11.67 21.50 -30.30
CA GLU B 264 12.24 21.13 -29.03
C GLU B 264 13.24 22.17 -28.53
N LEU B 265 13.32 22.34 -27.21
CA LEU B 265 14.21 23.31 -26.59
C LEU B 265 15.33 22.69 -25.78
N MET B 266 15.07 21.67 -24.96
CA MET B 266 16.13 21.09 -24.14
C MET B 266 15.94 19.60 -23.97
N THR B 267 17.00 18.96 -23.48
CA THR B 267 17.04 17.53 -23.17
C THR B 267 17.75 17.35 -21.83
N TYR B 268 17.14 16.59 -20.92
CA TYR B 268 17.61 16.44 -19.54
C TYR B 268 18.15 15.02 -19.34
N SER B 269 19.46 14.87 -19.38
CA SER B 269 20.05 13.53 -19.30
C SER B 269 21.41 13.60 -18.61
N HIS B 270 22.00 12.42 -18.39
CA HIS B 270 23.21 12.27 -17.61
C HIS B 270 23.74 10.86 -17.81
N ASP B 271 25.07 10.73 -17.84
CA ASP B 271 25.68 9.47 -18.27
C ASP B 271 25.52 8.35 -17.25
N ASN B 272 25.34 8.68 -15.98
CA ASN B 272 25.17 7.64 -14.97
C ASN B 272 23.74 7.14 -14.85
N ILE B 273 22.83 7.62 -15.69
CA ILE B 273 21.40 7.31 -15.60
C ILE B 273 21.01 6.54 -16.85
N ILE B 274 20.74 5.24 -16.70
CA ILE B 274 20.42 4.42 -17.88
C ILE B 274 19.13 3.62 -17.70
N CYS B 275 18.19 4.13 -16.92
CA CYS B 275 16.90 3.49 -16.71
C CYS B 275 15.76 4.41 -17.17
N GLY B 276 14.61 3.80 -17.45
CA GLY B 276 13.47 4.53 -17.96
C GLY B 276 12.82 5.43 -16.92
N ILE B 277 11.82 6.19 -17.37
CA ILE B 277 11.12 7.18 -16.56
C ILE B 277 9.65 6.82 -16.47
N THR B 278 9.08 6.92 -15.27
CA THR B 278 7.70 6.52 -15.03
C THR B 278 6.71 7.67 -14.94
N SER B 279 7.16 8.87 -14.60
CA SER B 279 6.28 9.99 -14.29
C SER B 279 7.10 11.27 -14.30
N VAL B 280 6.41 12.41 -14.34
CA VAL B 280 7.07 13.71 -14.44
C VAL B 280 6.08 14.78 -13.99
N SER B 281 6.59 15.87 -13.43
CA SER B 281 5.74 16.95 -12.96
C SER B 281 6.55 18.23 -12.78
N PHE B 282 5.87 19.38 -12.84
CA PHE B 282 6.46 20.69 -12.65
C PHE B 282 6.04 21.28 -11.30
N SER B 283 6.94 22.05 -10.70
CA SER B 283 6.57 22.79 -9.50
C SER B 283 5.93 24.12 -9.89
N LYS B 284 5.39 24.80 -8.89
CA LYS B 284 4.70 26.05 -9.14
C LYS B 284 5.71 27.12 -9.55
N SER B 285 5.35 27.92 -10.53
CA SER B 285 6.19 28.86 -11.27
C SER B 285 7.09 28.18 -12.29
N GLY B 286 7.22 26.86 -12.27
CA GLY B 286 7.89 26.15 -13.34
C GLY B 286 9.39 26.18 -13.37
N ARG B 287 10.07 26.52 -12.27
CA ARG B 287 11.52 26.51 -12.29
C ARG B 287 12.11 25.13 -12.05
N LEU B 288 11.39 24.22 -11.42
CA LEU B 288 11.88 22.87 -11.18
C LEU B 288 11.07 21.86 -11.98
N LEU B 289 11.75 20.79 -12.40
CA LEU B 289 11.13 19.66 -13.07
C LEU B 289 11.43 18.39 -12.29
N LEU B 290 10.41 17.82 -11.66
CA LEU B 290 10.56 16.59 -10.91
C LEU B 290 10.24 15.41 -11.80
N ALA B 291 11.10 14.40 -11.78
CA ALA B 291 10.91 13.16 -12.51
C ALA B 291 11.23 12.00 -11.59
N GLY B 292 10.47 10.91 -11.71
CA GLY B 292 10.70 9.74 -10.89
C GLY B 292 11.12 8.54 -11.72
N TYR B 293 12.23 7.90 -11.39
CA TYR B 293 12.83 6.98 -12.33
C TYR B 293 12.69 5.55 -11.86
N ASP B 294 13.25 4.65 -12.65
CA ASP B 294 13.02 3.24 -12.47
C ASP B 294 14.06 2.58 -11.56
N ASP B 295 15.16 3.26 -11.26
CA ASP B 295 16.07 2.81 -10.20
C ASP B 295 15.76 3.47 -8.86
N PHE B 296 14.48 3.52 -8.51
CA PHE B 296 13.99 3.72 -7.16
C PHE B 296 14.15 5.16 -6.67
N ASN B 297 14.71 6.06 -7.48
CA ASN B 297 15.00 7.42 -7.04
C ASN B 297 13.96 8.41 -7.58
N CYS B 298 14.24 9.69 -7.35
CA CYS B 298 13.42 10.79 -7.85
C CYS B 298 14.32 12.01 -7.96
N ASN B 299 14.71 12.38 -9.17
CA ASN B 299 15.61 13.49 -9.39
C ASN B 299 14.85 14.81 -9.48
N VAL B 300 15.58 15.89 -9.24
CA VAL B 300 15.03 17.24 -9.30
C VAL B 300 15.95 18.03 -10.21
N TRP B 301 15.39 18.60 -11.27
CA TRP B 301 16.15 19.24 -12.32
C TRP B 301 15.88 20.74 -12.32
N ASP B 302 16.93 21.51 -12.55
CA ASP B 302 16.75 22.89 -12.94
C ASP B 302 16.21 22.89 -14.36
N ALA B 303 15.15 23.64 -14.61
CA ALA B 303 14.47 23.52 -15.90
C ALA B 303 15.05 24.48 -16.93
N LEU B 304 15.51 25.65 -16.50
CA LEU B 304 16.08 26.61 -17.45
C LEU B 304 17.50 26.20 -17.83
N LYS B 305 18.39 26.14 -16.85
CA LYS B 305 19.64 25.43 -17.03
C LYS B 305 19.31 23.94 -17.08
N ALA B 306 20.27 23.08 -17.37
CA ALA B 306 19.95 21.67 -17.43
C ALA B 306 20.65 20.88 -16.33
N ASP B 307 21.06 21.55 -15.27
CA ASP B 307 21.77 20.92 -14.17
C ASP B 307 20.77 20.25 -13.23
N ARG B 308 21.05 19.00 -12.86
CA ARG B 308 20.26 18.38 -11.81
C ARG B 308 20.67 18.96 -10.46
N ALA B 309 19.67 19.27 -9.63
CA ALA B 309 19.86 20.05 -8.42
C ALA B 309 19.36 19.34 -7.17
N GLY B 310 19.27 18.01 -7.20
CA GLY B 310 18.83 17.30 -6.02
C GLY B 310 18.42 15.89 -6.33
N VAL B 311 18.36 15.09 -5.28
CA VAL B 311 17.86 13.72 -5.31
C VAL B 311 16.99 13.57 -4.09
N LEU B 312 15.97 12.71 -4.18
CA LEU B 312 15.20 12.36 -3.00
C LEU B 312 14.92 10.86 -3.04
N ALA B 313 15.57 10.14 -2.12
CA ALA B 313 15.80 8.71 -2.27
C ALA B 313 15.21 7.88 -1.15
N GLY B 314 13.96 8.14 -0.77
CA GLY B 314 13.41 7.42 0.38
C GLY B 314 12.77 6.09 0.04
N HIS B 315 12.53 5.81 -1.22
CA HIS B 315 11.74 4.64 -1.55
C HIS B 315 12.60 3.40 -1.73
N ASP B 316 11.90 2.28 -1.80
CA ASP B 316 12.47 0.96 -1.67
C ASP B 316 12.27 0.11 -2.91
N ASN B 317 11.59 0.63 -3.91
CA ASN B 317 11.23 -0.12 -5.12
C ASN B 317 10.84 0.92 -6.16
N ARG B 318 10.25 0.48 -7.28
CA ARG B 318 10.00 1.40 -8.39
C ARG B 318 9.04 2.52 -8.01
N VAL B 319 9.41 3.75 -8.35
CA VAL B 319 8.56 4.92 -8.14
C VAL B 319 7.61 5.03 -9.32
N SER B 320 6.34 4.73 -9.09
CA SER B 320 5.38 4.62 -10.17
C SER B 320 4.60 5.90 -10.47
N CYS B 321 4.55 6.87 -9.55
CA CYS B 321 3.69 8.03 -9.74
C CYS B 321 4.08 9.14 -8.78
N LEU B 322 3.79 10.38 -9.18
CA LEU B 322 4.04 11.52 -8.32
C LEU B 322 3.14 12.68 -8.71
N GLY B 323 3.02 13.66 -7.81
CA GLY B 323 2.13 14.77 -8.02
C GLY B 323 2.40 15.90 -7.06
N VAL B 324 2.30 17.12 -7.57
CA VAL B 324 2.56 18.35 -6.81
C VAL B 324 1.25 19.06 -6.60
N THR B 325 1.06 19.65 -5.42
CA THR B 325 -0.22 20.21 -5.04
C THR B 325 -0.44 21.59 -5.68
N ASP B 326 -1.69 22.05 -5.65
CA ASP B 326 -2.08 23.26 -6.38
C ASP B 326 -1.45 24.52 -5.81
N ASP B 327 -1.39 24.65 -4.49
CA ASP B 327 -0.76 25.83 -3.91
C ASP B 327 0.76 25.71 -3.80
N GLY B 328 1.32 24.53 -4.07
CA GLY B 328 2.75 24.37 -4.15
C GLY B 328 3.44 23.92 -2.88
N MET B 329 2.72 23.38 -1.91
CA MET B 329 3.30 23.11 -0.60
C MET B 329 4.13 21.83 -0.58
N ALA B 330 3.61 20.73 -1.13
CA ALA B 330 4.23 19.43 -0.93
C ALA B 330 4.20 18.62 -2.21
N VAL B 331 4.88 17.48 -2.16
CA VAL B 331 5.00 16.55 -3.27
C VAL B 331 4.76 15.14 -2.74
N ALA B 332 4.02 14.33 -3.48
CA ALA B 332 3.73 12.98 -3.08
C ALA B 332 4.29 11.99 -4.09
N THR B 333 4.72 10.82 -3.62
CA THR B 333 5.17 9.74 -4.49
C THR B 333 4.59 8.42 -4.03
N GLY B 334 4.16 7.60 -4.97
CA GLY B 334 3.78 6.23 -4.69
C GLY B 334 4.79 5.29 -5.28
N SER B 335 4.89 4.08 -4.76
CA SER B 335 5.92 3.14 -5.21
C SER B 335 5.35 1.74 -5.22
N TRP B 336 6.14 0.82 -5.79
CA TRP B 336 5.79 -0.60 -5.82
C TRP B 336 5.99 -1.30 -4.48
N ASP B 337 6.66 -0.68 -3.50
CA ASP B 337 6.41 -1.00 -2.10
C ASP B 337 5.31 -0.08 -1.59
N SER B 338 4.30 -0.66 -0.96
CA SER B 338 3.01 0.01 -0.89
C SER B 338 2.98 1.19 0.07
N PHE B 339 3.80 2.20 -0.15
CA PHE B 339 3.82 3.37 0.72
C PHE B 339 3.70 4.63 -0.12
N LEU B 340 3.13 5.67 0.48
CA LEU B 340 3.07 7.01 -0.07
C LEU B 340 3.81 7.95 0.87
N LYS B 341 4.50 8.94 0.34
CA LYS B 341 5.28 9.84 1.17
C LYS B 341 5.11 11.29 0.74
N ILE B 342 5.10 12.19 1.71
CA ILE B 342 4.98 13.62 1.45
C ILE B 342 6.30 14.31 1.81
N TRP B 343 6.86 15.03 0.87
CA TRP B 343 8.17 15.65 0.97
C TRP B 343 7.99 17.15 1.02
N ASN B 344 8.95 17.83 1.60
CA ASN B 344 8.92 19.27 1.69
C ASN B 344 10.25 19.78 2.22
N ALA C 7 -8.99 -1.37 -48.46
CA ALA C 7 -7.90 -0.94 -49.31
C ALA C 7 -7.12 0.19 -48.65
N SER C 8 -5.80 0.19 -48.82
CA SER C 8 -4.96 1.20 -48.20
C SER C 8 -4.81 2.46 -49.03
N ILE C 9 -5.26 2.45 -50.29
CA ILE C 9 -5.11 3.63 -51.13
C ILE C 9 -6.00 4.75 -50.64
N ALA C 10 -7.09 4.41 -49.95
CA ALA C 10 -7.97 5.44 -49.40
C ALA C 10 -7.37 6.09 -48.17
N GLN C 11 -6.57 5.34 -47.41
CA GLN C 11 -5.96 5.89 -46.20
C GLN C 11 -4.89 6.93 -46.52
N ALA C 12 -4.15 6.73 -47.62
CA ALA C 12 -3.01 7.60 -47.91
C ALA C 12 -3.46 9.02 -48.19
N ARG C 13 -4.61 9.20 -48.83
CA ARG C 13 -5.06 10.55 -49.12
C ARG C 13 -5.62 11.26 -47.90
N LYS C 14 -5.71 10.58 -46.76
CA LYS C 14 -5.98 11.21 -45.48
C LYS C 14 -4.70 11.73 -44.83
N LEU C 15 -3.65 10.91 -44.86
CA LEU C 15 -2.34 11.32 -44.35
C LEU C 15 -1.75 12.48 -45.16
N VAL C 16 -2.31 12.78 -46.33
CA VAL C 16 -1.94 14.00 -47.04
C VAL C 16 -2.85 15.15 -46.62
N GLU C 17 -4.10 14.86 -46.25
CA GLU C 17 -5.01 15.91 -45.83
C GLU C 17 -4.58 16.51 -44.50
N GLN C 18 -3.80 15.77 -43.70
CA GLN C 18 -3.41 16.26 -42.37
C GLN C 18 -2.13 17.09 -42.43
N LEU C 19 -1.14 16.64 -43.21
CA LEU C 19 0.10 17.40 -43.33
C LEU C 19 -0.12 18.78 -43.93
N LYS C 20 -1.15 18.94 -44.76
CA LYS C 20 -1.50 20.26 -45.26
C LYS C 20 -1.85 21.19 -44.11
N MET C 21 -2.58 20.70 -43.13
CA MET C 21 -3.01 21.55 -42.02
C MET C 21 -1.84 21.89 -41.09
N GLU C 22 -0.85 21.01 -40.99
CA GLU C 22 0.21 21.22 -40.03
C GLU C 22 1.33 22.09 -40.57
N ALA C 23 1.49 22.17 -41.89
CA ALA C 23 2.61 22.89 -42.49
C ALA C 23 2.36 24.38 -42.63
N ASN C 24 1.10 24.83 -42.59
CA ASN C 24 0.83 26.23 -42.86
C ASN C 24 0.74 27.08 -41.59
N ILE C 25 1.11 26.54 -40.43
CA ILE C 25 1.06 27.29 -39.18
C ILE C 25 1.99 28.49 -39.25
N ASP C 26 1.71 29.50 -38.43
CA ASP C 26 2.59 30.66 -38.26
C ASP C 26 3.53 30.43 -37.09
N ARG C 27 4.83 30.37 -37.38
CA ARG C 27 5.83 30.07 -36.35
C ARG C 27 6.58 31.33 -35.96
N ILE C 28 6.94 31.41 -34.68
CA ILE C 28 7.84 32.43 -34.19
C ILE C 28 9.19 31.77 -33.90
N LYS C 29 10.20 32.58 -33.70
CA LYS C 29 11.55 32.06 -33.56
C LYS C 29 11.90 31.77 -32.10
N VAL C 30 13.00 31.04 -31.92
CA VAL C 30 13.27 30.41 -30.63
C VAL C 30 13.77 31.40 -29.58
N SER C 31 14.37 32.51 -30.00
CA SER C 31 14.81 33.50 -29.01
C SER C 31 13.62 34.13 -28.30
N LYS C 32 12.57 34.47 -29.05
CA LYS C 32 11.42 35.13 -28.46
C LYS C 32 10.59 34.18 -27.61
N ALA C 33 10.67 32.88 -27.86
CA ALA C 33 9.94 31.93 -27.04
C ALA C 33 10.73 31.50 -25.82
N ALA C 34 12.06 31.59 -25.88
CA ALA C 34 12.88 31.27 -24.72
C ALA C 34 12.98 32.44 -23.76
N ALA C 35 12.69 33.65 -24.24
CA ALA C 35 12.67 34.82 -23.35
C ALA C 35 11.43 34.84 -22.49
N ASP C 36 10.33 34.26 -22.97
CA ASP C 36 9.06 34.28 -22.24
C ASP C 36 8.98 33.23 -21.15
N LEU C 37 9.77 32.15 -21.25
CA LEU C 37 9.83 31.21 -20.15
C LEU C 37 10.73 31.69 -19.02
N MET C 38 11.74 32.51 -19.33
CA MET C 38 12.48 33.19 -18.27
C MET C 38 11.61 34.22 -17.56
N ALA C 39 10.79 34.93 -18.33
CA ALA C 39 9.98 35.99 -17.74
C ALA C 39 8.96 35.42 -16.76
N TYR C 40 8.33 34.31 -17.11
CA TYR C 40 7.31 33.74 -16.23
C TYR C 40 7.93 33.20 -14.95
N CYS C 41 9.17 32.71 -15.02
CA CYS C 41 9.79 32.13 -13.84
C CYS C 41 10.33 33.17 -12.88
N GLU C 42 10.13 34.46 -13.15
CA GLU C 42 10.65 35.50 -12.28
C GLU C 42 9.54 36.21 -11.53
N ALA C 43 8.46 36.53 -12.23
CA ALA C 43 7.30 37.15 -11.58
C ALA C 43 6.67 36.23 -10.55
N HIS C 44 6.87 34.91 -10.68
CA HIS C 44 6.28 33.95 -9.76
C HIS C 44 7.33 33.25 -8.91
N ALA C 45 8.55 33.78 -8.86
CA ALA C 45 9.61 33.14 -8.09
C ALA C 45 9.41 33.22 -6.59
N LYS C 46 8.69 34.25 -6.11
CA LYS C 46 8.55 34.44 -4.67
C LYS C 46 7.66 33.38 -4.04
N GLU C 47 6.49 33.13 -4.62
CA GLU C 47 5.50 32.25 -4.00
C GLU C 47 5.58 30.83 -4.57
N ASP C 48 6.68 30.18 -4.24
CA ASP C 48 6.83 28.75 -4.51
C ASP C 48 7.65 28.16 -3.37
N PRO C 49 7.03 27.43 -2.46
CA PRO C 49 7.72 26.98 -1.24
C PRO C 49 8.75 25.88 -1.46
N LEU C 50 8.95 25.40 -2.69
CA LEU C 50 9.87 24.27 -2.86
C LEU C 50 11.28 24.70 -3.20
N LEU C 51 11.49 25.92 -3.69
CA LEU C 51 12.85 26.41 -3.88
C LEU C 51 13.23 27.48 -2.88
N THR C 52 12.29 27.90 -2.04
CA THR C 52 12.58 28.78 -0.90
C THR C 52 11.85 28.20 0.30
N PRO C 53 12.55 27.47 1.18
CA PRO C 53 11.90 26.92 2.38
C PRO C 53 11.21 28.00 3.21
N VAL C 54 10.06 27.64 3.77
CA VAL C 54 9.18 28.58 4.45
C VAL C 54 9.34 28.44 5.97
N PRO C 55 8.90 29.43 6.75
CA PRO C 55 8.96 29.31 8.21
C PRO C 55 8.14 28.13 8.69
N ALA C 56 8.59 27.53 9.80
CA ALA C 56 7.85 26.41 10.38
C ALA C 56 6.46 26.80 10.84
N SER C 57 6.20 28.09 11.03
CA SER C 57 4.84 28.56 11.29
C SER C 57 3.93 28.28 10.10
N GLU C 58 4.42 28.49 8.88
CA GLU C 58 3.55 28.39 7.72
C GLU C 58 3.40 26.96 7.20
N ASN C 59 4.40 26.09 7.37
CA ASN C 59 3.88 24.94 6.64
C ASN C 59 3.12 23.99 7.57
N PRO C 60 1.97 23.49 7.10
CA PRO C 60 1.16 22.58 7.92
C PRO C 60 1.69 21.17 7.99
N PHE C 61 2.81 20.87 7.33
CA PHE C 61 3.40 19.54 7.38
C PHE C 61 4.63 19.50 8.30
N ARG C 62 4.72 20.41 9.27
CA ARG C 62 5.86 20.39 10.17
C ARG C 62 5.90 19.10 10.99
N GLU C 63 4.76 18.71 11.56
CA GLU C 63 4.59 17.47 12.32
C GLU C 63 3.24 17.44 13.03
N PHE D 123 37.66 -20.33 43.74
CA PHE D 123 38.72 -19.76 44.56
C PHE D 123 39.96 -19.65 43.67
N MET D 124 41.07 -19.16 44.21
CA MET D 124 42.30 -18.94 43.47
C MET D 124 42.96 -20.27 43.13
N VAL D 125 42.30 -21.09 42.31
CA VAL D 125 42.86 -22.33 41.81
C VAL D 125 43.15 -22.14 40.33
N LEU D 126 44.37 -22.45 39.93
CA LEU D 126 44.88 -21.98 38.65
C LEU D 126 46.19 -22.68 38.34
N ASN D 127 46.81 -22.25 37.25
CA ASN D 127 48.07 -22.78 36.78
C ASN D 127 49.23 -21.97 37.33
N PRO D 128 50.40 -22.58 37.51
CA PRO D 128 51.54 -21.84 38.09
C PRO D 128 52.07 -20.74 37.19
N SER D 129 52.31 -21.07 35.91
CA SER D 129 52.74 -20.11 34.90
C SER D 129 51.93 -20.19 33.63
N GLN D 130 51.08 -21.19 33.48
CA GLN D 130 50.22 -21.34 32.31
C GLN D 130 49.08 -20.33 32.28
N GLN D 131 48.92 -19.53 33.35
CA GLN D 131 47.78 -18.63 33.53
C GLN D 131 47.73 -17.51 32.49
N LEU D 132 48.79 -17.32 31.72
CA LEU D 132 48.80 -16.44 30.55
C LEU D 132 48.80 -17.23 29.24
N ALA D 133 49.39 -18.42 29.25
CA ALA D 133 49.32 -19.30 28.08
C ALA D 133 47.90 -19.74 27.79
N ILE D 134 47.03 -19.74 28.81
CA ILE D 134 45.59 -19.88 28.55
C ILE D 134 45.07 -18.60 27.91
N ALA D 135 45.77 -17.48 28.10
CA ALA D 135 45.44 -16.28 27.34
C ALA D 135 46.03 -16.33 25.94
N VAL D 136 46.87 -17.32 25.65
CA VAL D 136 47.37 -17.52 24.29
C VAL D 136 46.27 -18.08 23.40
N LEU D 137 45.62 -19.16 23.85
CA LEU D 137 44.43 -19.65 23.16
C LEU D 137 43.34 -18.59 23.17
N SER D 138 43.02 -18.05 24.34
CA SER D 138 41.90 -17.11 24.49
C SER D 138 42.12 -15.84 23.67
N LEU D 139 43.37 -15.54 23.32
CA LEU D 139 43.67 -14.32 22.59
C LEU D 139 43.02 -14.30 21.22
N THR D 140 43.11 -15.42 20.49
CA THR D 140 42.59 -15.44 19.12
C THR D 140 41.08 -15.62 19.09
N LEU D 141 40.54 -16.54 19.90
CA LEU D 141 39.11 -16.84 19.86
C LEU D 141 38.28 -15.60 20.17
N GLY D 142 38.72 -14.79 21.13
CA GLY D 142 37.98 -13.58 21.46
C GLY D 142 38.07 -12.52 20.37
N THR D 143 39.00 -12.68 19.43
CA THR D 143 39.22 -11.65 18.43
C THR D 143 38.37 -11.85 17.18
N PHE D 144 38.13 -13.10 16.78
CA PHE D 144 37.21 -13.35 15.68
C PHE D 144 35.78 -13.00 16.05
N THR D 145 35.45 -13.03 17.34
CA THR D 145 34.06 -12.82 17.73
C THR D 145 33.66 -11.36 17.60
N VAL D 146 34.54 -10.44 18.00
CA VAL D 146 34.21 -9.02 17.87
C VAL D 146 34.20 -8.60 16.40
N LEU D 147 35.05 -9.20 15.57
CA LEU D 147 35.12 -8.80 14.18
C LEU D 147 33.95 -9.36 13.38
N GLU D 148 33.65 -10.66 13.55
CA GLU D 148 32.67 -11.31 12.70
C GLU D 148 31.26 -10.77 12.95
N ASN D 149 30.90 -10.53 14.21
CA ASN D 149 29.52 -10.15 14.53
C ASN D 149 29.18 -8.77 13.97
N LEU D 150 30.13 -7.84 13.92
CA LEU D 150 29.80 -6.52 13.39
C LEU D 150 29.70 -6.53 11.87
N LEU D 151 30.65 -7.20 11.19
CA LEU D 151 30.50 -7.38 9.74
C LEU D 151 29.30 -8.25 9.42
N VAL D 152 28.81 -9.03 10.39
CA VAL D 152 27.55 -9.75 10.21
C VAL D 152 26.38 -8.81 10.41
N LEU D 153 26.39 -8.01 11.47
CA LEU D 153 25.32 -7.11 11.82
C LEU D 153 25.29 -5.84 10.97
N CYS D 154 25.99 -5.82 9.83
CA CYS D 154 25.97 -4.65 8.96
C CYS D 154 24.82 -4.69 7.96
N VAL D 155 24.06 -5.79 7.88
CA VAL D 155 22.99 -5.93 6.90
C VAL D 155 22.01 -4.76 6.97
N ILE D 156 21.84 -4.18 8.15
CA ILE D 156 20.94 -3.04 8.28
C ILE D 156 21.45 -1.81 7.53
N ARG D 163 16.68 -7.06 2.88
CA ARG D 163 17.24 -8.11 3.72
C ARG D 163 17.17 -7.70 5.18
N CYS D 164 16.06 -7.07 5.56
CA CYS D 164 15.75 -6.70 6.93
C CYS D 164 14.46 -7.38 7.39
N ARG D 165 14.29 -8.65 7.00
CA ARG D 165 13.02 -9.36 7.10
C ARG D 165 12.79 -9.90 8.51
N PRO D 166 11.59 -10.41 8.80
CA PRO D 166 11.32 -10.95 10.15
C PRO D 166 12.22 -12.10 10.55
N SER D 167 12.82 -12.82 9.60
CA SER D 167 13.72 -13.90 9.96
C SER D 167 15.15 -13.42 10.19
N TYR D 168 15.54 -12.33 9.54
CA TYR D 168 16.87 -11.77 9.73
C TYR D 168 16.95 -10.80 10.90
N HIS D 169 15.97 -10.86 11.81
CA HIS D 169 16.07 -10.17 13.09
C HIS D 169 16.77 -11.03 14.13
N PHE D 170 16.31 -12.26 14.31
CA PHE D 170 16.92 -13.15 15.30
C PHE D 170 18.36 -13.49 14.95
N ILE D 171 18.76 -13.33 13.69
CA ILE D 171 20.14 -13.64 13.33
C ILE D 171 21.08 -12.53 13.78
N GLY D 172 20.58 -11.29 13.83
CA GLY D 172 21.39 -10.21 14.37
C GLY D 172 21.46 -10.25 15.89
N SER D 173 20.33 -10.54 16.54
CA SER D 173 20.30 -10.69 17.99
C SER D 173 21.27 -11.74 18.48
N LEU D 174 21.48 -12.81 17.71
CA LEU D 174 22.52 -13.78 18.06
C LEU D 174 23.90 -13.15 17.90
N ALA D 175 24.06 -12.26 16.93
CA ALA D 175 25.34 -11.60 16.71
C ALA D 175 25.64 -10.56 17.79
N VAL D 176 24.62 -10.17 18.55
CA VAL D 176 24.83 -9.21 19.64
C VAL D 176 25.29 -9.93 20.90
N ALA D 177 24.58 -10.98 21.30
CA ALA D 177 24.83 -11.61 22.59
C ALA D 177 26.19 -12.29 22.65
N ASP D 178 26.86 -12.44 21.51
CA ASP D 178 28.25 -12.87 21.54
C ASP D 178 29.16 -11.74 21.99
N LEU D 179 28.96 -10.53 21.45
CA LEU D 179 29.77 -9.38 21.84
C LEU D 179 29.62 -9.08 23.32
N LEU D 180 28.37 -8.95 23.79
CA LEU D 180 28.13 -8.67 25.20
C LEU D 180 28.70 -9.75 26.10
N GLY D 181 28.78 -10.99 25.61
CA GLY D 181 29.61 -11.98 26.27
C GLY D 181 31.07 -11.83 25.93
N SER D 182 31.38 -11.26 24.77
CA SER D 182 32.76 -11.15 24.32
C SER D 182 33.56 -10.20 25.20
N VAL D 183 32.95 -9.08 25.60
CA VAL D 183 33.65 -8.11 26.42
C VAL D 183 33.53 -8.43 27.90
N ILE D 184 32.32 -8.71 28.36
CA ILE D 184 32.07 -8.91 29.78
C ILE D 184 32.73 -10.19 30.29
N PHE D 185 33.14 -11.09 29.41
CA PHE D 185 33.75 -12.34 29.83
C PHE D 185 35.26 -12.33 29.71
N VAL D 186 35.80 -11.82 28.59
CA VAL D 186 37.25 -11.95 28.38
C VAL D 186 38.02 -10.98 29.27
N TYR D 187 37.39 -9.88 29.70
CA TYR D 187 38.03 -9.00 30.67
C TYR D 187 37.79 -9.45 32.09
N SER D 188 36.56 -9.88 32.40
CA SER D 188 36.25 -10.35 33.72
C SER D 188 37.07 -11.58 34.09
N PHE D 189 37.16 -12.54 33.16
CA PHE D 189 37.95 -13.74 33.40
C PHE D 189 39.41 -13.40 33.66
N ILE D 190 39.94 -12.38 32.99
CA ILE D 190 41.34 -12.00 33.12
C ILE D 190 41.54 -11.02 34.28
N ASP D 191 40.47 -10.75 35.04
CA ASP D 191 40.65 -10.23 36.38
C ASP D 191 41.25 -11.32 37.27
N PHE D 192 40.58 -12.48 37.31
CA PHE D 192 41.08 -13.61 38.07
C PHE D 192 42.19 -14.32 37.29
N HIS D 193 42.76 -15.34 37.95
CA HIS D 193 43.56 -16.38 37.31
C HIS D 193 44.93 -15.90 36.88
N VAL D 194 45.21 -14.61 36.95
CA VAL D 194 46.49 -14.09 36.52
C VAL D 194 47.00 -13.05 37.51
N PHE D 195 46.16 -12.07 37.84
CA PHE D 195 46.44 -11.11 38.92
C PHE D 195 45.14 -10.90 39.70
N HIS D 196 45.01 -11.62 40.81
CA HIS D 196 43.76 -11.77 41.52
C HIS D 196 43.27 -10.43 42.06
N ARG D 197 41.98 -10.17 41.86
CA ARG D 197 41.37 -8.95 42.39
C ARG D 197 40.01 -9.31 42.99
N LYS D 198 39.99 -9.48 44.30
CA LYS D 198 38.76 -9.83 44.99
C LYS D 198 37.80 -8.64 44.97
N ASP D 199 36.63 -8.84 45.56
CA ASP D 199 35.63 -7.78 45.66
C ASP D 199 34.82 -8.04 46.92
N SER D 200 33.74 -7.28 47.09
CA SER D 200 32.86 -7.45 48.23
C SER D 200 31.77 -8.44 47.86
N ARG D 201 30.81 -8.63 48.76
CA ARG D 201 29.75 -9.60 48.56
C ARG D 201 28.72 -9.15 47.53
N ASN D 202 28.89 -7.99 46.92
CA ASN D 202 27.96 -7.50 45.91
C ASN D 202 28.64 -7.08 44.61
N VAL D 203 29.96 -6.90 44.60
CA VAL D 203 30.67 -6.67 43.34
C VAL D 203 30.76 -7.96 42.53
N PHE D 204 30.66 -9.10 43.20
CA PHE D 204 30.63 -10.38 42.50
C PHE D 204 29.26 -10.63 41.86
N LEU D 205 28.19 -10.53 42.64
CA LEU D 205 26.85 -10.83 42.15
C LEU D 205 26.37 -9.88 41.05
N PHE D 206 27.14 -8.86 40.67
CA PHE D 206 26.73 -7.96 39.60
C PHE D 206 27.82 -7.73 38.57
N LYS D 207 28.64 -8.76 38.48
CA LYS D 207 29.64 -8.97 37.46
C LYS D 207 29.08 -10.31 36.89
N LEU D 208 28.90 -11.28 37.81
CA LEU D 208 28.40 -12.60 37.48
C LEU D 208 27.04 -12.51 36.87
N GLY D 209 26.17 -11.66 37.42
CA GLY D 209 24.83 -11.51 36.89
C GLY D 209 24.90 -11.06 35.44
N GLY D 210 25.78 -10.09 35.13
CA GLY D 210 25.90 -9.62 33.76
C GLY D 210 26.32 -10.78 32.87
N VAL D 211 27.30 -11.56 33.35
CA VAL D 211 27.77 -12.68 32.54
C VAL D 211 26.62 -13.67 32.30
N THR D 212 25.82 -13.94 33.32
CA THR D 212 24.72 -14.89 33.14
C THR D 212 23.74 -14.35 32.11
N ALA D 213 23.46 -13.04 32.13
CA ALA D 213 22.54 -12.48 31.16
C ALA D 213 23.10 -12.71 29.77
N SER D 214 24.41 -12.46 29.59
CA SER D 214 25.02 -12.65 28.29
C SER D 214 24.88 -14.11 27.84
N PHE D 215 25.08 -15.06 28.75
CA PHE D 215 24.93 -16.45 28.39
C PHE D 215 23.49 -16.85 28.05
N THR D 216 22.53 -16.28 28.78
CA THR D 216 21.14 -16.67 28.62
C THR D 216 20.42 -15.94 27.52
N ALA D 217 21.11 -15.02 26.84
CA ALA D 217 20.45 -14.31 25.77
C ALA D 217 20.76 -14.91 24.41
N SER D 218 21.54 -15.99 24.38
CA SER D 218 21.73 -16.72 23.13
C SER D 218 20.64 -17.77 22.92
N VAL D 219 20.38 -18.60 23.93
CA VAL D 219 19.29 -19.58 23.84
C VAL D 219 17.96 -18.90 23.57
N GLY D 220 17.79 -17.66 24.02
CA GLY D 220 16.63 -16.88 23.60
C GLY D 220 16.68 -16.46 22.15
N SER D 221 17.84 -16.60 21.51
CA SER D 221 17.93 -16.26 20.09
C SER D 221 17.94 -17.51 19.22
N LEU D 222 18.52 -18.60 19.72
CA LEU D 222 18.47 -19.85 18.98
C LEU D 222 17.10 -20.51 19.08
N PHE D 223 16.46 -20.40 20.24
CA PHE D 223 15.15 -21.04 20.43
C PHE D 223 14.10 -20.38 19.56
N LEU D 224 14.24 -19.08 19.28
CA LEU D 224 13.22 -18.38 18.52
C LEU D 224 13.44 -18.49 17.01
N THR D 225 14.57 -19.03 16.58
CA THR D 225 14.75 -19.28 15.13
C THR D 225 14.22 -20.65 14.75
N ALA D 226 14.43 -21.66 15.59
CA ALA D 226 13.84 -22.97 15.34
C ALA D 226 12.34 -22.98 15.59
N ILE D 227 11.75 -21.84 15.98
CA ILE D 227 10.30 -21.71 16.06
C ILE D 227 9.71 -21.45 14.67
N ASP D 228 10.12 -20.34 14.04
CA ASP D 228 9.52 -20.02 12.75
C ASP D 228 9.95 -20.98 11.67
N ARG D 229 11.16 -21.56 11.77
CA ARG D 229 11.54 -22.60 10.84
C ARG D 229 10.69 -23.85 11.02
N TYR D 230 10.25 -24.13 12.24
CA TYR D 230 9.46 -25.34 12.48
C TYR D 230 8.13 -25.28 11.75
N ILE D 231 7.45 -24.13 11.82
CA ILE D 231 6.14 -24.02 11.19
C ILE D 231 6.26 -23.99 9.67
N SER D 232 7.43 -23.63 9.15
CA SER D 232 7.61 -23.47 7.71
C SER D 232 7.34 -24.76 6.95
N ILE D 233 7.46 -25.90 7.61
CA ILE D 233 7.11 -27.15 6.96
C ILE D 233 5.91 -27.79 7.63
N HIS D 234 5.71 -27.51 8.92
CA HIS D 234 4.52 -28.00 9.60
C HIS D 234 3.26 -27.45 8.94
N ARG D 235 3.11 -26.13 8.90
CA ARG D 235 2.03 -25.46 8.19
C ARG D 235 2.65 -24.72 7.02
N PRO D 236 2.94 -25.42 5.91
CA PRO D 236 3.73 -24.80 4.84
C PRO D 236 3.09 -23.56 4.24
N LEU D 237 1.77 -23.52 4.14
CA LEU D 237 1.09 -22.32 3.65
C LEU D 237 0.99 -21.24 4.71
N ALA D 238 1.06 -21.62 5.98
CA ALA D 238 0.85 -20.69 7.09
C ALA D 238 2.13 -19.95 7.50
N TYR D 239 3.11 -19.86 6.61
CA TYR D 239 4.39 -19.30 6.99
C TYR D 239 4.34 -17.78 7.05
N LYS D 240 3.74 -17.15 6.04
CA LYS D 240 3.87 -15.70 5.88
C LYS D 240 2.83 -14.91 6.64
N ARG D 241 1.76 -15.56 7.13
CA ARG D 241 0.74 -14.81 7.86
C ARG D 241 1.14 -14.62 9.32
N ILE D 242 1.65 -15.67 9.96
CA ILE D 242 1.88 -15.62 11.40
C ILE D 242 3.06 -14.73 11.75
N VAL D 243 4.11 -14.74 10.93
CA VAL D 243 5.38 -14.15 11.30
C VAL D 243 5.62 -12.91 10.44
N THR D 244 5.61 -11.74 11.08
CA THR D 244 5.87 -10.46 10.41
C THR D 244 6.60 -9.56 11.41
N ARG D 245 6.65 -8.26 11.10
CA ARG D 245 7.21 -7.29 12.05
C ARG D 245 6.60 -7.36 13.46
N PRO D 246 5.28 -7.57 13.66
CA PRO D 246 4.75 -7.65 15.04
C PRO D 246 5.48 -8.64 15.92
N LYS D 247 5.49 -9.91 15.54
CA LYS D 247 6.37 -10.82 16.24
C LYS D 247 7.82 -10.49 15.89
N ALA D 248 8.75 -11.12 16.60
CA ALA D 248 10.14 -10.68 16.75
C ALA D 248 10.25 -9.49 17.69
N VAL D 249 9.14 -8.97 18.19
CA VAL D 249 9.15 -8.10 19.36
C VAL D 249 8.13 -8.50 20.41
N VAL D 250 7.13 -9.31 20.07
CA VAL D 250 6.17 -9.79 21.07
C VAL D 250 6.85 -10.76 22.03
N ALA D 251 7.49 -11.80 21.50
CA ALA D 251 8.17 -12.79 22.32
C ALA D 251 9.68 -12.62 22.31
N PHE D 252 10.21 -11.74 21.46
CA PHE D 252 11.66 -11.56 21.38
C PHE D 252 12.20 -10.80 22.57
N CYS D 253 11.82 -9.52 22.71
CA CYS D 253 12.22 -8.72 23.84
C CYS D 253 11.65 -9.25 25.16
N LEU D 254 10.60 -10.07 25.08
CA LEU D 254 10.16 -10.81 26.27
C LEU D 254 11.27 -11.73 26.77
N MET D 255 12.06 -12.33 25.87
CA MET D 255 13.17 -13.19 26.31
C MET D 255 14.17 -12.47 27.25
N TRP D 256 14.54 -11.25 26.88
CA TRP D 256 15.44 -10.45 27.72
C TRP D 256 14.78 -10.28 29.09
N THR D 257 13.44 -10.31 29.09
CA THR D 257 12.67 -10.14 30.31
C THR D 257 13.01 -11.24 31.31
N ILE D 258 13.16 -12.47 30.82
CA ILE D 258 13.53 -13.59 31.66
C ILE D 258 14.91 -13.33 32.28
N ALA D 259 15.85 -12.78 31.50
CA ALA D 259 17.17 -12.43 32.02
C ALA D 259 17.01 -11.39 33.15
N ILE D 260 16.12 -10.42 32.96
CA ILE D 260 15.86 -9.43 34.01
C ILE D 260 15.35 -10.14 35.27
N VAL D 261 14.48 -11.13 35.10
CA VAL D 261 13.97 -11.91 36.24
C VAL D 261 15.14 -12.60 36.94
N ILE D 262 16.10 -13.13 36.17
CA ILE D 262 17.28 -13.77 36.75
C ILE D 262 18.02 -12.74 37.60
N ALA D 263 18.16 -11.50 37.10
CA ALA D 263 18.83 -10.45 37.86
C ALA D 263 18.06 -10.23 39.18
N VAL D 264 16.72 -10.21 39.09
CA VAL D 264 15.89 -10.05 40.27
C VAL D 264 16.16 -11.15 41.28
N LEU D 265 16.34 -12.41 40.84
CA LEU D 265 16.68 -13.52 41.74
C LEU D 265 17.91 -13.08 42.51
N PRO D 266 19.07 -12.90 41.83
CA PRO D 266 20.11 -12.26 42.65
C PRO D 266 19.84 -10.98 43.49
N LEU D 267 18.92 -10.09 43.11
CA LEU D 267 18.59 -8.95 43.95
C LEU D 267 17.97 -9.44 45.26
N LEU D 268 17.11 -10.47 45.18
CA LEU D 268 16.43 -10.96 46.39
C LEU D 268 15.91 -12.38 46.26
N ASP D 281 32.33 -25.98 45.07
CA ASP D 281 33.21 -24.82 45.25
C ASP D 281 33.75 -24.32 43.91
N ILE D 282 32.83 -24.04 42.99
CA ILE D 282 33.22 -23.62 41.65
C ILE D 282 33.10 -22.11 41.50
N PHE D 283 32.10 -21.50 42.12
CA PHE D 283 31.86 -20.07 42.04
C PHE D 283 31.76 -19.49 43.43
N PRO D 284 32.30 -18.27 43.66
CA PRO D 284 32.51 -17.78 45.03
C PRO D 284 31.24 -17.65 45.85
N HIS D 285 30.28 -16.84 45.41
CA HIS D 285 29.03 -16.65 46.12
C HIS D 285 27.91 -17.19 45.25
N ILE D 286 27.55 -18.46 45.44
CA ILE D 286 26.51 -19.07 44.62
C ILE D 286 25.94 -20.27 45.38
N ASP D 287 24.63 -20.43 45.33
CA ASP D 287 23.94 -21.53 46.00
C ASP D 287 23.48 -22.58 45.00
N GLU D 288 23.40 -23.82 45.47
CA GLU D 288 23.10 -24.97 44.62
C GLU D 288 21.84 -24.78 43.78
N THR D 289 20.79 -24.22 44.37
CA THR D 289 19.52 -24.00 43.67
C THR D 289 19.68 -23.14 42.43
N TYR D 290 20.24 -21.94 42.59
CA TYR D 290 20.45 -21.02 41.48
C TYR D 290 21.28 -21.66 40.38
N LEU D 291 22.36 -22.34 40.75
CA LEU D 291 23.10 -23.09 39.75
C LEU D 291 22.26 -24.25 39.21
N MET D 292 21.57 -24.98 40.09
CA MET D 292 20.68 -26.05 39.62
C MET D 292 19.52 -25.48 38.83
N PHE D 293 18.94 -24.36 39.28
CA PHE D 293 17.79 -23.78 38.60
C PHE D 293 18.16 -23.25 37.22
N TRP D 294 19.38 -22.71 37.07
CA TRP D 294 19.80 -22.21 35.77
C TRP D 294 20.00 -23.34 34.78
N ILE D 295 20.09 -24.59 35.27
CA ILE D 295 20.14 -25.73 34.35
C ILE D 295 18.75 -26.09 33.85
N GLY D 296 17.70 -25.71 34.59
CA GLY D 296 16.35 -26.01 34.14
C GLY D 296 15.87 -25.10 33.02
N VAL D 297 16.37 -23.86 32.97
CA VAL D 297 16.01 -22.95 31.89
C VAL D 297 16.83 -23.21 30.65
N THR D 298 17.86 -24.03 30.73
CA THR D 298 18.79 -24.23 29.62
C THR D 298 18.82 -25.66 29.12
N SER D 299 18.80 -26.65 30.00
CA SER D 299 18.85 -28.03 29.54
C SER D 299 17.57 -28.41 28.80
N VAL D 300 16.45 -27.75 29.12
CA VAL D 300 15.18 -28.09 28.50
C VAL D 300 15.08 -27.47 27.11
N LEU D 301 15.43 -26.19 26.99
CA LEU D 301 15.33 -25.52 25.70
C LEU D 301 16.30 -26.11 24.68
N LEU D 302 17.45 -26.61 25.13
CA LEU D 302 18.34 -27.31 24.23
C LEU D 302 17.77 -28.67 23.82
N LEU D 303 16.79 -29.18 24.55
CA LEU D 303 16.21 -30.47 24.23
C LEU D 303 15.10 -30.32 23.20
N PHE D 304 14.50 -29.14 23.11
CA PHE D 304 13.50 -28.86 22.08
C PHE D 304 14.16 -28.72 20.70
N ILE D 305 15.27 -27.99 20.61
CA ILE D 305 15.90 -27.71 19.32
C ILE D 305 16.34 -28.98 18.61
N VAL D 306 16.52 -30.08 19.35
CA VAL D 306 16.80 -31.34 18.68
C VAL D 306 15.52 -32.02 18.21
N TYR D 307 14.36 -31.51 18.64
CA TYR D 307 13.09 -31.97 18.09
C TYR D 307 12.77 -31.27 16.77
N ALA D 308 12.96 -29.95 16.72
CA ALA D 308 12.68 -29.20 15.50
C ALA D 308 13.54 -29.67 14.34
N TYR D 309 14.86 -29.73 14.53
CA TYR D 309 15.73 -30.05 13.42
C TYR D 309 15.76 -31.53 13.08
N MET D 310 15.04 -32.38 13.81
CA MET D 310 14.82 -33.73 13.33
C MET D 310 13.40 -33.95 12.82
N TYR D 311 12.48 -33.06 13.15
CA TYR D 311 11.18 -33.03 12.48
C TYR D 311 11.32 -32.61 11.03
N ILE D 312 11.87 -31.41 10.80
CA ILE D 312 12.04 -30.88 9.45
C ILE D 312 12.82 -31.86 8.57
N LEU D 313 13.82 -32.54 9.14
CA LEU D 313 14.60 -33.46 8.35
C LEU D 313 13.88 -34.78 8.11
N TRP D 314 12.76 -35.02 8.78
CA TRP D 314 11.97 -36.22 8.48
C TRP D 314 10.71 -35.88 7.69
N LYS D 315 9.93 -34.91 8.17
CA LYS D 315 8.70 -34.55 7.46
C LYS D 315 8.99 -33.97 6.08
N ALA D 316 10.23 -33.52 5.85
CA ALA D 316 10.69 -33.23 4.49
C ALA D 316 11.33 -34.45 3.84
N HIS D 317 11.38 -35.58 4.52
CA HIS D 317 11.83 -36.81 3.87
C HIS D 317 10.70 -37.48 3.12
N SER D 318 9.54 -37.61 3.74
CA SER D 318 8.42 -38.29 3.09
C SER D 318 7.93 -37.50 1.89
N HIS D 319 8.01 -36.16 1.94
CA HIS D 319 7.61 -35.35 0.82
C HIS D 319 8.45 -35.65 -0.42
N ALA D 320 9.77 -35.70 -0.25
CA ALA D 320 10.66 -35.70 -1.40
C ALA D 320 10.65 -37.05 -2.13
N VAL D 321 10.22 -38.11 -1.45
CA VAL D 321 10.15 -39.42 -2.07
C VAL D 321 8.71 -39.80 -2.43
N ARG D 322 7.73 -39.35 -1.65
CA ARG D 322 6.35 -39.63 -2.04
C ARG D 322 5.97 -38.89 -3.31
N MET D 323 6.73 -37.85 -3.68
CA MET D 323 6.46 -37.16 -4.92
C MET D 323 7.31 -37.71 -6.07
N ILE D 324 8.46 -38.29 -5.74
CA ILE D 324 9.28 -38.93 -6.77
C ILE D 324 8.63 -40.22 -7.26
N GLN D 325 7.61 -40.72 -6.54
CA GLN D 325 6.79 -41.82 -7.05
C GLN D 325 5.58 -41.30 -7.81
N ARG D 326 4.77 -40.46 -7.16
CA ARG D 326 3.59 -39.90 -7.82
C ARG D 326 4.01 -39.00 -8.98
N GLY D 327 5.19 -38.39 -8.89
CA GLY D 327 5.72 -37.60 -9.98
C GLY D 327 6.42 -38.41 -11.04
N THR D 328 6.44 -39.72 -10.91
CA THR D 328 7.05 -40.59 -11.90
C THR D 328 6.53 -42.02 -11.78
N ALA D 350 15.85 -38.24 -2.95
CA ALA D 350 15.55 -36.99 -3.63
C ALA D 350 16.68 -35.97 -3.49
N ARG D 351 16.33 -34.69 -3.63
CA ARG D 351 17.26 -33.60 -3.38
C ARG D 351 16.87 -32.67 -2.25
N MET D 352 15.60 -32.60 -1.88
CA MET D 352 15.25 -31.72 -0.77
C MET D 352 15.64 -32.34 0.56
N ASP D 353 15.55 -33.67 0.68
CA ASP D 353 15.93 -34.34 1.91
C ASP D 353 17.44 -34.53 2.05
N ILE D 354 18.23 -34.04 1.10
CA ILE D 354 19.68 -34.10 1.21
C ILE D 354 20.26 -32.76 1.62
N ARG D 355 19.82 -31.67 0.98
CA ARG D 355 20.30 -30.34 1.36
C ARG D 355 19.96 -30.02 2.81
N LEU D 356 18.84 -30.54 3.30
CA LEU D 356 18.51 -30.39 4.72
C LEU D 356 19.37 -31.29 5.59
N ALA D 357 20.03 -32.29 5.01
CA ALA D 357 20.95 -33.10 5.79
C ALA D 357 22.29 -32.41 5.98
N LYS D 358 22.82 -31.80 4.92
CA LYS D 358 24.18 -31.27 4.96
C LYS D 358 24.29 -30.02 5.82
N THR D 359 23.15 -29.41 6.18
CA THR D 359 23.22 -28.24 7.05
C THR D 359 22.83 -28.56 8.49
N LEU D 360 21.93 -29.52 8.71
CA LEU D 360 21.40 -29.69 10.05
C LEU D 360 22.31 -30.53 10.94
N VAL D 361 23.13 -31.41 10.37
CA VAL D 361 24.13 -32.08 11.17
C VAL D 361 25.21 -31.10 11.60
N LEU D 362 25.41 -30.03 10.83
CA LEU D 362 26.40 -29.03 11.19
C LEU D 362 25.89 -28.12 12.31
N ILE D 363 24.57 -28.07 12.52
CA ILE D 363 24.04 -27.32 13.66
C ILE D 363 24.00 -28.20 14.91
N LEU D 364 23.71 -29.48 14.74
CA LEU D 364 23.56 -30.35 15.91
C LEU D 364 24.91 -30.66 16.53
N VAL D 365 25.94 -30.84 15.71
CA VAL D 365 27.26 -31.21 16.23
C VAL D 365 27.90 -30.03 16.95
N VAL D 366 27.76 -28.82 16.39
CA VAL D 366 28.36 -27.64 17.00
C VAL D 366 27.68 -27.29 18.32
N LEU D 367 26.40 -27.64 18.45
CA LEU D 367 25.63 -27.19 19.60
C LEU D 367 25.67 -28.19 20.76
N ILE D 368 26.21 -29.38 20.54
CA ILE D 368 26.38 -30.29 21.67
C ILE D 368 27.85 -30.37 22.10
N ILE D 369 28.78 -29.93 21.25
CA ILE D 369 30.17 -29.89 21.69
C ILE D 369 30.42 -28.65 22.54
N CYS D 370 29.54 -27.66 22.47
CA CYS D 370 29.70 -26.45 23.28
C CYS D 370 28.86 -26.51 24.57
N TRP D 371 27.54 -26.60 24.43
CA TRP D 371 26.68 -26.70 25.60
C TRP D 371 26.78 -28.04 26.29
N GLY D 372 27.45 -29.02 25.68
CA GLY D 372 27.51 -30.36 26.22
C GLY D 372 28.45 -30.53 27.41
N PRO D 373 29.75 -30.37 27.16
CA PRO D 373 30.73 -30.68 28.22
C PRO D 373 30.63 -29.79 29.45
N LEU D 374 30.40 -28.49 29.27
CA LEU D 374 30.38 -27.58 30.42
C LEU D 374 29.25 -27.94 31.38
N LEU D 375 28.02 -28.01 30.88
CA LEU D 375 26.88 -28.38 31.71
C LEU D 375 27.03 -29.77 32.32
N ALA D 376 27.89 -30.61 31.76
CA ALA D 376 28.21 -31.88 32.39
C ALA D 376 28.92 -31.67 33.72
N ILE D 377 29.90 -30.76 33.74
CA ILE D 377 30.73 -30.53 34.93
C ILE D 377 30.00 -29.73 35.99
N MET D 378 29.07 -28.88 35.59
CA MET D 378 28.20 -28.21 36.56
C MET D 378 27.24 -29.20 37.22
N VAL D 379 27.19 -30.43 36.75
CA VAL D 379 26.45 -31.49 37.43
C VAL D 379 27.36 -32.25 38.38
N TYR D 380 28.66 -32.30 38.11
CA TYR D 380 29.58 -33.09 38.92
C TYR D 380 29.97 -32.40 40.22
N ASP D 381 29.89 -31.07 40.27
CA ASP D 381 30.17 -30.33 41.50
C ASP D 381 28.97 -30.22 42.43
N VAL D 382 28.00 -31.11 42.31
CA VAL D 382 26.87 -31.19 43.23
C VAL D 382 26.92 -32.53 43.95
N PHE D 383 27.03 -33.62 43.19
CA PHE D 383 27.10 -34.94 43.79
C PHE D 383 28.53 -35.39 44.03
N GLY D 384 29.45 -34.99 43.16
CA GLY D 384 30.81 -35.49 43.20
C GLY D 384 31.69 -34.84 44.25
N LYS D 385 32.84 -35.45 44.47
CA LYS D 385 33.82 -34.99 45.45
C LYS D 385 34.69 -33.94 44.80
N MET D 386 34.45 -32.66 45.14
CA MET D 386 35.13 -31.57 44.46
C MET D 386 36.61 -31.57 44.81
N ASN D 387 37.43 -31.07 43.88
CA ASN D 387 38.84 -30.90 44.09
C ASN D 387 39.36 -29.87 43.11
N LYS D 388 40.56 -29.34 43.38
CA LYS D 388 41.23 -28.53 42.39
C LYS D 388 41.73 -29.38 41.22
N LEU D 389 41.80 -30.70 41.40
CA LEU D 389 42.21 -31.60 40.33
C LEU D 389 41.29 -31.51 39.12
N ILE D 390 40.04 -31.09 39.32
CA ILE D 390 39.11 -30.96 38.20
C ILE D 390 38.84 -29.50 37.83
N LYS D 391 39.22 -28.55 38.70
CA LYS D 391 38.96 -27.14 38.42
C LYS D 391 39.87 -26.58 37.34
N THR D 392 41.01 -27.23 37.07
CA THR D 392 41.88 -26.76 36.01
C THR D 392 41.25 -27.01 34.64
N VAL D 393 40.67 -28.19 34.44
CA VAL D 393 40.10 -28.51 33.14
C VAL D 393 38.79 -27.75 32.92
N PHE D 394 38.06 -27.44 34.00
CA PHE D 394 36.88 -26.60 33.85
C PHE D 394 37.25 -25.21 33.36
N ALA D 395 38.45 -24.73 33.68
CA ALA D 395 38.90 -23.45 33.15
C ALA D 395 39.26 -23.55 31.68
N PHE D 396 39.92 -24.64 31.29
CA PHE D 396 40.34 -24.75 29.90
C PHE D 396 39.16 -24.95 28.97
N CYS D 397 38.15 -25.72 29.40
CA CYS D 397 37.02 -26.01 28.53
C CYS D 397 35.92 -24.98 28.68
N SER D 398 36.02 -24.10 29.67
CA SER D 398 35.07 -23.00 29.78
C SER D 398 35.25 -21.98 28.67
N MET D 399 36.37 -22.04 27.95
CA MET D 399 36.60 -21.17 26.81
C MET D 399 36.02 -21.71 25.51
N LEU D 400 35.28 -22.82 25.57
CA LEU D 400 34.51 -23.25 24.41
C LEU D 400 33.49 -22.18 24.02
N CYS D 401 33.02 -21.40 24.99
CA CYS D 401 32.04 -20.36 24.73
C CYS D 401 32.55 -19.34 23.71
N LEU D 402 33.85 -19.06 23.74
CA LEU D 402 34.41 -18.19 22.70
C LEU D 402 34.44 -18.89 21.36
N LEU D 403 34.48 -20.22 21.34
CA LEU D 403 34.42 -20.93 20.05
C LEU D 403 32.98 -20.98 19.53
N ASN D 404 32.01 -21.16 20.43
CA ASN D 404 30.62 -21.18 19.99
C ASN D 404 30.22 -19.85 19.36
N SER D 405 30.71 -18.74 19.88
CA SER D 405 30.43 -17.43 19.31
C SER D 405 31.38 -17.08 18.18
N THR D 406 32.14 -18.05 17.70
CA THR D 406 32.97 -17.93 16.51
C THR D 406 32.48 -18.83 15.39
N VAL D 407 31.60 -19.78 15.68
CA VAL D 407 31.05 -20.69 14.67
C VAL D 407 29.69 -20.21 14.19
N ASN D 408 28.98 -19.45 15.03
CA ASN D 408 27.61 -19.08 14.69
C ASN D 408 27.49 -18.25 13.43
N PRO D 409 28.29 -17.21 13.21
CA PRO D 409 28.21 -16.52 11.90
C PRO D 409 28.62 -17.41 10.74
N ILE D 410 29.40 -18.46 10.98
CA ILE D 410 29.72 -19.40 9.92
C ILE D 410 28.54 -20.31 9.64
N ILE D 411 27.75 -20.62 10.66
CA ILE D 411 26.70 -21.62 10.52
C ILE D 411 25.35 -20.99 10.19
N TYR D 412 25.12 -19.73 10.55
CA TYR D 412 23.84 -19.07 10.31
C TYR D 412 23.92 -17.98 9.27
N ALA D 413 24.82 -17.00 9.44
CA ALA D 413 24.85 -15.86 8.54
C ALA D 413 25.40 -16.23 7.18
N LEU D 414 26.27 -17.23 7.11
CA LEU D 414 26.91 -17.56 5.85
C LEU D 414 25.99 -18.39 4.95
N ARG D 415 25.51 -19.52 5.45
CA ARG D 415 24.85 -20.50 4.58
C ARG D 415 23.52 -19.98 4.05
N SER D 416 23.00 -18.89 4.63
CA SER D 416 21.85 -18.20 4.04
C SER D 416 22.34 -17.51 2.77
N LYS D 417 22.11 -18.16 1.62
CA LYS D 417 22.67 -17.68 0.36
C LYS D 417 22.09 -16.35 -0.09
N ASP D 418 20.94 -15.93 0.46
CA ASP D 418 20.38 -14.63 0.11
C ASP D 418 21.33 -13.51 0.52
N LEU D 419 21.88 -13.60 1.73
CA LEU D 419 22.90 -12.65 2.18
C LEU D 419 24.27 -13.02 1.65
N ARG D 420 24.51 -14.29 1.35
CA ARG D 420 25.84 -14.74 0.94
C ARG D 420 26.29 -14.01 -0.32
N HIS D 421 25.52 -14.13 -1.40
CA HIS D 421 25.92 -13.47 -2.65
C HIS D 421 25.89 -11.96 -2.49
N ALA D 422 25.04 -11.45 -1.59
CA ALA D 422 24.78 -10.01 -1.52
C ALA D 422 26.03 -9.24 -1.11
N PHE D 423 26.74 -9.71 -0.09
CA PHE D 423 27.97 -9.03 0.28
C PHE D 423 29.11 -9.36 -0.68
N ARG D 424 29.04 -10.52 -1.34
CA ARG D 424 30.01 -10.82 -2.41
C ARG D 424 29.94 -9.78 -3.52
N SER D 425 28.77 -9.20 -3.75
CA SER D 425 28.60 -8.17 -4.78
C SER D 425 28.77 -6.77 -4.21
N MET D 426 27.92 -6.40 -3.26
CA MET D 426 27.96 -5.07 -2.68
C MET D 426 28.93 -5.02 -1.49
N VAL E 2 -35.09 7.89 3.98
CA VAL E 2 -34.55 7.95 5.32
C VAL E 2 -35.68 8.22 6.31
N GLN E 3 -35.84 7.38 7.31
CA GLN E 3 -36.78 7.68 8.38
C GLN E 3 -36.39 6.97 9.66
N LEU E 4 -36.79 7.56 10.78
CA LEU E 4 -36.52 7.04 12.12
C LEU E 4 -37.84 7.09 12.88
N VAL E 5 -38.26 5.97 13.46
CA VAL E 5 -39.57 5.85 14.09
C VAL E 5 -39.37 5.23 15.47
N GLU E 6 -39.74 5.96 16.51
CA GLU E 6 -39.56 5.49 17.88
C GLU E 6 -40.90 5.19 18.54
N SER E 7 -40.88 4.21 19.44
CA SER E 7 -42.07 3.70 20.10
C SER E 7 -41.73 3.34 21.54
N GLY E 8 -42.73 2.87 22.26
CA GLY E 8 -42.69 2.83 23.71
C GLY E 8 -43.35 4.07 24.28
N GLY E 9 -43.10 4.30 25.55
CA GLY E 9 -43.68 5.46 26.19
C GLY E 9 -45.15 5.24 26.49
N GLY E 10 -45.71 6.17 27.25
CA GLY E 10 -47.05 6.00 27.78
C GLY E 10 -47.12 6.55 29.17
N LEU E 11 -47.75 5.84 30.09
CA LEU E 11 -47.91 6.31 31.47
C LEU E 11 -47.24 5.33 32.42
N VAL E 12 -46.55 5.88 33.42
CA VAL E 12 -45.71 5.08 34.33
C VAL E 12 -45.76 5.71 35.72
N GLN E 13 -45.68 4.87 36.74
CA GLN E 13 -45.65 5.30 38.13
C GLN E 13 -44.22 5.59 38.57
N PRO E 14 -44.03 6.48 39.54
CA PRO E 14 -42.67 6.84 39.95
C PRO E 14 -41.96 5.66 40.61
N GLY E 15 -40.97 5.12 39.92
CA GLY E 15 -40.21 3.99 40.37
C GLY E 15 -40.21 2.82 39.41
N GLY E 16 -41.13 2.80 38.45
CA GLY E 16 -41.21 1.73 37.48
C GLY E 16 -40.08 1.73 36.48
N SER E 17 -40.32 1.22 35.27
CA SER E 17 -39.29 1.17 34.25
C SER E 17 -39.93 0.91 32.90
N ARG E 18 -39.39 1.55 31.86
CA ARG E 18 -39.82 1.31 30.49
C ARG E 18 -38.60 1.04 29.62
N LYS E 19 -38.86 0.81 28.34
CA LYS E 19 -37.84 0.44 27.37
C LYS E 19 -38.27 1.03 26.03
N LEU E 20 -37.44 1.90 25.46
CA LEU E 20 -37.78 2.60 24.22
C LEU E 20 -36.95 2.03 23.08
N SER E 21 -37.49 2.13 21.86
CA SER E 21 -36.79 1.65 20.68
C SER E 21 -37.04 2.59 19.50
N CYS E 22 -36.21 2.46 18.48
CA CYS E 22 -36.32 3.26 17.25
C CYS E 22 -35.92 2.41 16.06
N SER E 23 -36.70 2.49 14.97
CA SER E 23 -36.50 1.65 13.79
C SER E 23 -35.97 2.49 12.65
N ALA E 24 -34.75 2.20 12.22
CA ALA E 24 -34.10 2.90 11.12
C ALA E 24 -34.40 2.22 9.79
N SER E 25 -34.73 3.03 8.78
CA SER E 25 -34.95 2.51 7.44
C SER E 25 -34.59 3.58 6.42
N GLY E 26 -33.78 3.21 5.43
CA GLY E 26 -33.47 4.08 4.32
C GLY E 26 -32.03 4.48 4.19
N PHE E 27 -31.13 3.97 5.01
CA PHE E 27 -29.75 4.41 4.98
C PHE E 27 -28.89 3.35 5.65
N ALA E 28 -27.58 3.59 5.66
CA ALA E 28 -26.59 2.66 6.17
C ALA E 28 -26.43 2.85 7.67
N PHE E 29 -27.21 2.10 8.45
CA PHE E 29 -27.31 2.33 9.90
C PHE E 29 -25.99 2.11 10.61
N SER E 30 -25.22 1.10 10.22
CA SER E 30 -24.04 0.73 10.97
C SER E 30 -22.93 1.78 10.90
N SER E 31 -23.03 2.75 10.00
CA SER E 31 -21.99 3.76 9.82
C SER E 31 -22.21 5.02 10.63
N PHE E 32 -23.34 5.17 11.29
CA PHE E 32 -23.72 6.39 11.97
C PHE E 32 -23.66 6.22 13.48
N GLY E 33 -23.21 7.26 14.18
CA GLY E 33 -23.46 7.35 15.60
C GLY E 33 -24.85 7.84 15.91
N MET E 34 -25.32 7.60 17.14
CA MET E 34 -26.69 7.94 17.51
C MET E 34 -26.73 8.71 18.82
N HIS E 35 -27.76 9.53 18.99
CA HIS E 35 -27.99 10.33 20.17
C HIS E 35 -29.44 10.19 20.62
N TRP E 36 -29.71 10.44 21.89
CA TRP E 36 -31.06 10.69 22.39
C TRP E 36 -31.11 12.11 22.93
N VAL E 37 -32.17 12.84 22.59
CA VAL E 37 -32.37 14.22 23.02
C VAL E 37 -33.80 14.37 23.51
N ARG E 38 -34.01 15.14 24.56
CA ARG E 38 -35.26 15.20 25.31
C ARG E 38 -35.80 16.63 25.36
N GLN E 39 -37.11 16.78 25.49
CA GLN E 39 -37.73 18.11 25.56
C GLN E 39 -38.96 18.09 26.45
N ALA E 40 -38.89 18.74 27.60
CA ALA E 40 -40.00 18.73 28.53
C ALA E 40 -41.15 19.59 28.04
N PRO E 41 -42.34 19.40 28.60
CA PRO E 41 -43.49 20.19 28.15
C PRO E 41 -43.34 21.68 28.39
N GLU E 42 -43.27 22.45 27.30
CA GLU E 42 -43.21 23.91 27.31
C GLU E 42 -41.83 24.44 27.76
N LYS E 43 -40.77 23.77 27.31
CA LYS E 43 -39.42 24.34 27.45
C LYS E 43 -38.50 23.67 26.44
N GLY E 44 -37.19 23.81 26.64
CA GLY E 44 -36.22 23.60 25.60
C GLY E 44 -35.61 22.21 25.58
N LEU E 45 -34.50 22.10 24.88
CA LEU E 45 -33.90 20.82 24.51
C LEU E 45 -32.75 20.46 25.44
N GLU E 46 -32.57 19.16 25.65
CA GLU E 46 -31.65 18.63 26.63
C GLU E 46 -31.06 17.33 26.12
N TRP E 47 -29.73 17.24 26.10
CA TRP E 47 -29.04 16.06 25.62
C TRP E 47 -29.03 14.95 26.68
N VAL E 48 -29.05 13.70 26.22
CA VAL E 48 -29.20 12.56 27.13
C VAL E 48 -28.06 11.55 27.04
N ALA E 49 -27.81 10.97 25.86
CA ALA E 49 -26.84 9.88 25.77
C ALA E 49 -26.33 9.75 24.33
N TYR E 50 -25.28 8.96 24.15
CA TYR E 50 -24.60 8.82 22.87
C TYR E 50 -23.86 7.49 22.81
N ILE E 51 -24.03 6.76 21.71
CA ILE E 51 -23.28 5.53 21.43
C ILE E 51 -22.68 5.62 20.03
N SER E 52 -21.39 5.34 19.90
CA SER E 52 -20.71 5.55 18.63
C SER E 52 -20.90 4.36 17.71
N SER E 53 -20.50 4.52 16.44
CA SER E 53 -20.58 3.43 15.48
C SER E 53 -19.48 2.43 15.79
N GLY E 54 -19.86 1.18 16.01
CA GLY E 54 -18.94 0.19 16.51
C GLY E 54 -18.99 0.00 18.02
N SER E 55 -19.87 0.73 18.70
CA SER E 55 -20.20 0.53 20.11
C SER E 55 -19.03 0.77 21.05
N GLY E 56 -17.93 1.37 20.57
CA GLY E 56 -16.73 1.44 21.37
C GLY E 56 -16.66 2.58 22.34
N THR E 57 -17.53 3.57 22.18
CA THR E 57 -17.53 4.76 23.04
C THR E 57 -18.96 5.05 23.46
N ILE E 58 -19.13 5.46 24.71
CA ILE E 58 -20.44 5.77 25.27
C ILE E 58 -20.27 6.91 26.26
N TYR E 59 -21.22 7.84 26.27
CA TYR E 59 -21.23 8.95 27.22
C TYR E 59 -22.65 9.16 27.72
N TYR E 60 -22.76 9.74 28.92
CA TYR E 60 -24.06 10.01 29.54
C TYR E 60 -24.08 11.40 30.12
N ALA E 61 -25.28 11.95 30.29
CA ALA E 61 -25.47 13.19 31.02
C ALA E 61 -25.59 12.90 32.51
N ASP E 62 -25.10 13.83 33.33
CA ASP E 62 -24.99 13.60 34.76
C ASP E 62 -26.36 13.44 35.43
N THR E 63 -27.43 13.91 34.82
CA THR E 63 -28.76 13.79 35.42
C THR E 63 -29.26 12.36 35.43
N VAL E 64 -28.76 11.52 34.53
CA VAL E 64 -29.34 10.20 34.32
C VAL E 64 -28.25 9.14 34.31
N LYS E 65 -27.11 9.45 34.95
CA LYS E 65 -25.89 8.68 34.78
C LYS E 65 -26.08 7.20 35.11
N GLY E 66 -26.41 6.90 36.37
CA GLY E 66 -26.51 5.51 36.75
C GLY E 66 -27.86 4.87 36.55
N ARG E 67 -28.82 5.56 35.94
CA ARG E 67 -30.18 5.08 35.85
C ARG E 67 -30.57 4.60 34.47
N PHE E 68 -29.89 5.06 33.42
CA PHE E 68 -30.23 4.75 32.03
C PHE E 68 -29.13 3.93 31.37
N THR E 69 -29.50 3.13 30.37
CA THR E 69 -28.54 2.35 29.59
C THR E 69 -28.93 2.35 28.12
N ILE E 70 -27.97 2.71 27.26
CA ILE E 70 -28.17 2.83 25.82
C ILE E 70 -27.44 1.68 25.13
N SER E 71 -28.07 1.12 24.09
CA SER E 71 -27.49 0.00 23.35
C SER E 71 -28.01 0.00 21.92
N ARG E 72 -27.39 -0.79 21.05
CA ARG E 72 -27.80 -0.84 19.65
C ARG E 72 -27.67 -2.26 19.11
N ASP E 73 -28.52 -2.57 18.12
CA ASP E 73 -28.62 -3.90 17.53
C ASP E 73 -28.53 -3.75 16.01
N ASP E 74 -27.35 -3.93 15.44
CA ASP E 74 -27.15 -3.52 14.05
C ASP E 74 -27.86 -4.39 13.04
N PRO E 75 -27.71 -5.72 13.04
CA PRO E 75 -28.41 -6.54 12.03
C PRO E 75 -29.92 -6.39 12.02
N LYS E 76 -30.51 -5.91 13.11
CA LYS E 76 -31.93 -5.57 13.13
C LYS E 76 -32.19 -4.10 12.83
N ASN E 77 -31.15 -3.25 12.88
CA ASN E 77 -31.26 -1.81 12.67
C ASN E 77 -32.15 -1.16 13.72
N THR E 78 -31.74 -1.24 14.98
CA THR E 78 -32.57 -0.74 16.05
C THR E 78 -31.72 -0.15 17.17
N LEU E 79 -32.34 0.74 17.97
CA LEU E 79 -31.67 1.48 19.03
C LEU E 79 -32.53 1.49 20.28
N PHE E 80 -31.93 1.21 21.43
CA PHE E 80 -32.66 1.02 22.67
C PHE E 80 -32.27 2.05 23.71
N LEU E 81 -33.11 2.22 24.72
CA LEU E 81 -32.80 3.00 25.90
C LEU E 81 -33.57 2.41 27.08
N GLN E 82 -32.88 1.74 27.99
CA GLN E 82 -33.50 1.19 29.18
C GLN E 82 -33.49 2.24 30.29
N MET E 83 -34.62 2.36 30.99
CA MET E 83 -34.78 3.33 32.05
C MET E 83 -35.14 2.61 33.34
N THR E 84 -34.63 3.09 34.47
CA THR E 84 -34.95 2.50 35.77
C THR E 84 -35.12 3.57 36.82
N SER E 85 -36.14 3.38 37.68
CA SER E 85 -36.47 4.25 38.80
C SER E 85 -36.78 5.68 38.33
N LEU E 86 -37.87 5.76 37.59
CA LEU E 86 -38.29 7.02 36.98
C LEU E 86 -38.85 7.98 38.01
N ARG E 87 -38.48 9.25 37.88
CA ARG E 87 -39.01 10.31 38.72
C ARG E 87 -39.76 11.31 37.86
N SER E 88 -40.41 12.26 38.51
CA SER E 88 -41.34 13.15 37.81
C SER E 88 -40.63 14.16 36.93
N GLU E 89 -39.32 14.34 37.07
CA GLU E 89 -38.57 15.21 36.19
C GLU E 89 -38.24 14.57 34.85
N ASP E 90 -38.72 13.36 34.60
CA ASP E 90 -38.46 12.63 33.37
C ASP E 90 -39.64 12.68 32.38
N THR E 91 -40.72 13.37 32.71
CA THR E 91 -41.79 13.58 31.75
C THR E 91 -41.28 14.40 30.58
N ALA E 92 -41.51 13.90 29.36
CA ALA E 92 -40.98 14.57 28.18
C ALA E 92 -41.39 13.89 26.88
N MET E 93 -40.99 14.47 25.74
CA MET E 93 -40.98 13.79 24.46
C MET E 93 -39.53 13.53 24.07
N TYR E 94 -39.23 12.30 23.63
CA TYR E 94 -37.85 11.91 23.36
C TYR E 94 -37.63 11.71 21.87
N TYR E 95 -36.50 12.21 21.36
CA TYR E 95 -36.14 12.17 19.95
C TYR E 95 -34.96 11.26 19.72
N CYS E 96 -34.69 10.97 18.46
CA CYS E 96 -33.59 10.12 18.04
C CYS E 96 -32.89 10.80 16.88
N VAL E 97 -31.57 10.95 16.96
CA VAL E 97 -30.79 11.75 16.02
C VAL E 97 -29.63 10.92 15.50
N ARG E 98 -29.27 11.08 14.22
CA ARG E 98 -28.17 10.35 13.62
C ARG E 98 -27.07 11.32 13.20
N SER E 99 -25.80 10.92 13.35
CA SER E 99 -24.70 11.82 13.06
C SER E 99 -23.43 11.06 12.67
N ILE E 100 -22.71 11.57 11.68
CA ILE E 100 -21.50 10.92 11.17
C ILE E 100 -20.35 11.91 11.21
N TYR E 101 -19.15 11.41 11.46
CA TYR E 101 -17.99 12.26 11.77
C TYR E 101 -16.80 11.86 10.89
N TYR E 102 -16.42 12.74 9.97
CA TYR E 102 -15.18 12.64 9.21
C TYR E 102 -14.91 14.04 8.68
N TYR E 103 -13.77 14.22 8.01
CA TYR E 103 -13.41 15.54 7.52
C TYR E 103 -14.40 16.08 6.51
N GLY E 104 -15.14 17.12 6.86
CA GLY E 104 -16.09 17.77 5.98
C GLY E 104 -17.51 17.27 6.05
N SER E 105 -17.85 16.43 7.03
CA SER E 105 -19.20 15.93 7.17
C SER E 105 -20.10 16.94 7.87
N SER E 106 -21.38 16.59 8.02
CA SER E 106 -22.34 17.41 8.73
C SER E 106 -23.06 16.58 9.80
N PRO E 107 -22.71 16.74 11.06
CA PRO E 107 -23.39 15.99 12.12
C PRO E 107 -24.79 16.53 12.42
N PHE E 108 -25.61 15.67 13.04
CA PHE E 108 -26.91 16.06 13.59
C PHE E 108 -27.93 16.44 12.52
N ASP E 109 -27.98 15.69 11.40
CA ASP E 109 -28.77 16.14 10.26
C ASP E 109 -30.14 15.49 10.11
N PHE E 110 -30.44 14.37 10.75
CA PHE E 110 -31.80 13.84 10.64
C PHE E 110 -32.36 13.48 12.02
N TRP E 111 -33.60 13.88 12.26
CA TRP E 111 -34.26 13.78 13.55
C TRP E 111 -35.56 12.99 13.39
N GLY E 112 -35.88 12.18 14.37
CA GLY E 112 -37.11 11.41 14.36
C GLY E 112 -38.33 12.25 14.67
N GLN E 113 -39.47 11.57 14.80
CA GLN E 113 -40.73 12.26 15.03
C GLN E 113 -41.12 12.37 16.51
N GLY E 114 -40.72 11.41 17.33
CA GLY E 114 -40.82 11.59 18.76
C GLY E 114 -41.84 10.68 19.41
N THR E 115 -41.60 10.34 20.67
CA THR E 115 -42.50 9.54 21.48
C THR E 115 -42.59 10.11 22.88
N THR E 116 -43.78 10.11 23.46
CA THR E 116 -44.05 10.75 24.73
C THR E 116 -44.00 9.75 25.89
N LEU E 117 -43.34 10.14 26.98
CA LEU E 117 -43.34 9.40 28.23
C LEU E 117 -43.86 10.31 29.33
N THR E 118 -44.93 9.92 30.01
CA THR E 118 -45.51 10.73 31.08
C THR E 118 -45.50 9.96 32.39
N VAL E 119 -44.60 10.36 33.30
CA VAL E 119 -44.47 9.73 34.61
C VAL E 119 -45.46 10.35 35.58
N SER E 120 -46.18 9.50 36.30
CA SER E 120 -47.30 9.97 37.10
C SER E 120 -46.84 10.82 38.29
N SER E 121 -47.77 11.62 38.79
CA SER E 121 -47.51 12.44 39.97
C SER E 121 -48.55 12.18 41.06
N SER E 136 -18.43 23.58 35.44
CA SER E 136 -17.55 22.94 34.48
C SER E 136 -18.14 22.88 33.07
N ASP E 137 -19.46 23.00 32.98
CA ASP E 137 -20.19 22.86 31.73
C ASP E 137 -20.35 24.21 31.05
N ILE E 138 -20.18 24.25 29.73
CA ILE E 138 -20.36 25.50 29.01
C ILE E 138 -21.82 25.93 29.08
N VAL E 139 -22.05 27.21 29.32
CA VAL E 139 -23.39 27.78 29.41
C VAL E 139 -23.65 28.58 28.15
N MET E 140 -24.85 28.44 27.58
CA MET E 140 -25.25 29.16 26.39
C MET E 140 -26.40 30.06 26.77
N THR E 141 -26.31 31.34 26.43
CA THR E 141 -27.30 32.33 26.83
C THR E 141 -27.75 33.09 25.61
N GLN E 142 -29.00 32.91 25.22
CA GLN E 142 -29.60 33.74 24.19
C GLN E 142 -30.83 34.40 24.78
N ALA E 143 -30.79 35.74 24.88
CA ALA E 143 -31.64 36.51 25.79
C ALA E 143 -32.82 37.17 25.10
N THR E 144 -33.44 36.52 24.13
CA THR E 144 -34.62 37.07 23.48
C THR E 144 -35.77 36.08 23.58
N SER E 145 -36.97 36.60 23.33
CA SER E 145 -38.18 35.78 23.29
C SER E 145 -39.33 36.59 22.73
N SER E 146 -40.05 36.01 21.76
CA SER E 146 -41.30 36.57 21.24
C SER E 146 -41.08 37.97 20.64
N VAL E 147 -40.29 37.98 19.58
CA VAL E 147 -40.01 39.20 18.82
C VAL E 147 -40.87 39.19 17.56
N PRO E 148 -41.79 40.15 17.40
CA PRO E 148 -42.69 40.13 16.22
C PRO E 148 -42.09 40.83 15.02
N VAL E 149 -42.27 40.27 13.83
CA VAL E 149 -41.78 40.87 12.59
C VAL E 149 -42.72 40.48 11.46
N THR E 150 -42.73 41.28 10.39
CA THR E 150 -43.52 41.15 9.17
C THR E 150 -42.70 40.54 8.04
N PRO E 151 -43.34 39.82 7.13
CA PRO E 151 -42.61 39.21 6.00
C PRO E 151 -41.83 40.25 5.21
N GLY E 152 -40.78 39.78 4.53
CA GLY E 152 -39.94 40.66 3.75
C GLY E 152 -39.02 41.55 4.55
N GLU E 153 -39.03 41.46 5.88
CA GLU E 153 -38.15 42.26 6.73
C GLU E 153 -36.89 41.47 7.09
N SER E 154 -35.98 42.15 7.78
CA SER E 154 -34.69 41.57 8.18
C SER E 154 -34.64 41.39 9.69
N VAL E 155 -34.40 40.15 10.13
CA VAL E 155 -34.35 39.82 11.54
C VAL E 155 -33.02 39.18 11.85
N SER E 156 -32.52 39.41 13.06
CA SER E 156 -31.28 38.80 13.52
C SER E 156 -31.49 38.17 14.88
N ILE E 157 -30.65 37.18 15.19
CA ILE E 157 -30.67 36.43 16.44
C ILE E 157 -29.23 36.26 16.89
N SER E 158 -29.03 36.11 18.19
CA SER E 158 -27.68 35.89 18.68
C SER E 158 -27.72 35.13 20.00
N CYS E 159 -26.69 34.32 20.26
CA CYS E 159 -26.45 33.77 21.57
C CYS E 159 -24.97 33.90 21.90
N ARG E 160 -24.67 33.87 23.19
CA ARG E 160 -23.32 34.14 23.70
C ARG E 160 -22.82 32.95 24.52
N SER E 161 -21.53 32.66 24.38
CA SER E 161 -20.90 31.56 25.08
C SER E 161 -20.14 32.05 26.29
N SER E 162 -19.97 31.18 27.28
CA SER E 162 -19.16 31.53 28.43
C SER E 162 -17.71 31.14 28.25
N LYS E 163 -17.41 30.27 27.29
CA LYS E 163 -16.05 29.98 26.89
C LYS E 163 -15.93 30.07 25.38
N SER E 164 -14.74 30.44 24.92
CA SER E 164 -14.50 30.57 23.48
C SER E 164 -14.58 29.20 22.82
N LEU E 165 -15.30 29.14 21.70
CA LEU E 165 -15.50 27.88 20.99
C LEU E 165 -14.48 27.66 19.87
N LEU E 166 -13.62 28.64 19.60
CA LEU E 166 -12.61 28.49 18.56
C LEU E 166 -11.47 27.60 19.05
N HIS E 167 -11.24 26.52 18.33
CA HIS E 167 -10.24 25.53 18.69
C HIS E 167 -8.94 25.84 17.97
N SER E 168 -7.85 25.25 18.45
CA SER E 168 -6.53 25.58 17.90
C SER E 168 -6.36 25.09 16.47
N ASN E 169 -7.19 24.16 16.01
CA ASN E 169 -7.07 23.65 14.64
C ASN E 169 -7.78 24.53 13.62
N GLY E 170 -8.58 25.52 14.05
CA GLY E 170 -9.17 26.45 13.13
C GLY E 170 -10.68 26.55 13.17
N ASN E 171 -11.35 25.48 13.59
CA ASN E 171 -12.81 25.40 13.55
C ASN E 171 -13.43 25.99 14.82
N THR E 172 -14.61 26.55 14.65
CA THR E 172 -15.50 26.92 15.76
C THR E 172 -16.79 26.11 15.67
N TYR E 173 -17.17 25.48 16.77
CA TYR E 173 -18.21 24.45 16.80
C TYR E 173 -19.52 25.01 17.34
N LEU E 174 -20.33 25.58 16.46
CA LEU E 174 -21.62 26.16 16.82
C LEU E 174 -22.66 25.81 15.76
N TYR E 175 -23.85 25.34 16.19
CA TYR E 175 -24.88 24.90 15.26
C TYR E 175 -26.19 25.63 15.50
N TRP E 176 -27.06 25.68 14.48
CA TRP E 176 -28.35 26.33 14.56
C TRP E 176 -29.44 25.40 14.07
N PHE E 177 -30.49 25.22 14.87
CA PHE E 177 -31.62 24.36 14.55
C PHE E 177 -32.89 25.21 14.48
N LEU E 178 -33.94 24.66 13.87
CA LEU E 178 -35.22 25.35 13.74
C LEU E 178 -36.36 24.39 14.05
N GLN E 179 -37.34 24.83 14.84
CA GLN E 179 -38.49 24.00 15.18
C GLN E 179 -39.78 24.74 14.90
N ARG E 180 -40.59 24.20 14.02
CA ARG E 180 -41.88 24.75 13.62
C ARG E 180 -43.01 24.13 14.43
N PRO E 181 -44.11 24.83 14.62
CA PRO E 181 -45.17 24.31 15.48
C PRO E 181 -45.79 23.02 14.94
N GLY E 182 -45.53 21.93 15.64
CA GLY E 182 -46.04 20.62 15.28
C GLY E 182 -45.03 19.63 14.74
N GLN E 183 -43.79 20.04 14.50
CA GLN E 183 -42.80 19.11 13.93
C GLN E 183 -41.54 19.01 14.77
N SER E 184 -40.54 18.28 14.26
CA SER E 184 -39.23 18.07 14.86
C SER E 184 -38.25 19.13 14.40
N PRO E 185 -37.14 19.32 15.10
CA PRO E 185 -36.13 20.26 14.63
C PRO E 185 -35.50 19.85 13.30
N GLN E 186 -34.92 20.85 12.63
CA GLN E 186 -34.13 20.67 11.42
C GLN E 186 -32.86 21.50 11.55
N LEU E 187 -31.80 21.04 10.91
CA LEU E 187 -30.52 21.73 10.92
C LEU E 187 -30.49 22.87 9.91
N LEU E 188 -29.86 23.98 10.30
CA LEU E 188 -29.64 25.11 9.40
C LEU E 188 -28.17 25.36 9.11
N ILE E 189 -27.33 25.57 10.13
CA ILE E 189 -25.91 25.87 9.97
C ILE E 189 -25.10 24.93 10.84
N TYR E 190 -24.12 24.26 10.26
CA TYR E 190 -23.10 23.55 11.02
C TYR E 190 -21.83 24.39 11.03
N ARG E 191 -20.72 23.81 11.45
CA ARG E 191 -19.78 24.38 12.44
C ARG E 191 -19.80 25.90 12.53
N MET E 192 -19.70 26.62 11.42
CA MET E 192 -20.19 28.00 11.41
C MET E 192 -20.09 28.50 9.98
N SER E 193 -21.13 29.24 9.56
CA SER E 193 -21.19 29.79 8.21
C SER E 193 -21.32 28.71 7.14
N ASN E 194 -21.56 27.48 7.54
CA ASN E 194 -21.76 26.37 6.62
C ASN E 194 -23.24 26.05 6.55
N LEU E 195 -23.73 25.87 5.33
CA LEU E 195 -25.17 25.78 5.08
C LEU E 195 -25.52 24.34 4.81
N ALA E 196 -26.53 23.84 5.51
CA ALA E 196 -26.96 22.46 5.35
C ALA E 196 -27.68 22.28 4.02
N SER E 197 -27.57 21.08 3.46
CA SER E 197 -28.09 20.83 2.12
C SER E 197 -29.60 20.76 2.17
N GLY E 198 -30.25 21.40 1.20
CA GLY E 198 -31.69 21.52 1.18
C GLY E 198 -32.23 22.75 1.85
N VAL E 199 -31.38 23.72 2.16
CA VAL E 199 -31.79 24.92 2.88
C VAL E 199 -31.68 26.12 1.95
N PRO E 200 -32.63 27.05 1.98
CA PRO E 200 -32.55 28.22 1.10
C PRO E 200 -31.33 29.07 1.42
N ASP E 201 -30.87 29.79 0.41
CA ASP E 201 -29.65 30.56 0.54
C ASP E 201 -29.85 31.89 1.28
N ARG E 202 -31.08 32.20 1.70
CA ARG E 202 -31.33 33.46 2.38
C ARG E 202 -31.02 33.42 3.87
N PHE E 203 -30.52 32.30 4.38
CA PHE E 203 -29.98 32.19 5.73
C PHE E 203 -28.47 32.35 5.70
N SER E 204 -27.90 32.78 6.81
CA SER E 204 -26.45 32.85 6.92
C SER E 204 -26.04 32.99 8.37
N GLY E 205 -24.82 32.53 8.66
CA GLY E 205 -24.33 32.56 10.03
C GLY E 205 -22.95 33.16 10.14
N SER E 206 -22.73 33.95 11.18
CA SER E 206 -21.48 34.68 11.34
C SER E 206 -21.23 34.97 12.81
N GLY E 207 -19.97 35.21 13.14
CA GLY E 207 -19.59 35.50 14.51
C GLY E 207 -18.10 35.31 14.68
N SER E 208 -17.69 35.27 15.94
CA SER E 208 -16.30 35.00 16.29
C SER E 208 -16.19 34.83 17.79
N GLY E 209 -15.35 33.88 18.22
CA GLY E 209 -15.04 33.78 19.63
C GLY E 209 -16.22 33.34 20.47
N THR E 210 -16.82 34.30 21.18
CA THR E 210 -17.92 34.02 22.10
C THR E 210 -19.15 34.87 21.81
N ALA E 211 -19.38 35.23 20.55
CA ALA E 211 -20.60 35.95 20.19
C ALA E 211 -20.94 35.65 18.74
N PHE E 212 -22.16 35.19 18.50
CA PHE E 212 -22.55 34.63 17.21
C PHE E 212 -23.86 35.25 16.79
N THR E 213 -24.19 35.11 15.50
CA THR E 213 -25.42 35.71 14.98
C THR E 213 -25.93 34.92 13.79
N LEU E 214 -27.25 34.90 13.65
CA LEU E 214 -27.94 34.24 12.54
C LEU E 214 -28.84 35.27 11.88
N THR E 215 -28.69 35.44 10.57
CA THR E 215 -29.43 36.45 9.83
C THR E 215 -30.38 35.81 8.84
N ILE E 216 -31.58 36.36 8.73
CA ILE E 216 -32.52 36.02 7.67
C ILE E 216 -32.77 37.30 6.89
N SER E 217 -32.66 37.22 5.57
CA SER E 217 -32.72 38.42 4.75
C SER E 217 -34.14 38.97 4.64
N ARG E 218 -35.03 38.19 4.06
CA ARG E 218 -36.40 38.61 3.83
C ARG E 218 -37.32 37.40 3.89
N LEU E 219 -38.24 37.42 4.86
CA LEU E 219 -38.91 36.25 5.38
C LEU E 219 -39.99 35.75 4.45
N GLU E 220 -40.26 34.46 4.51
CA GLU E 220 -41.46 33.89 3.92
C GLU E 220 -42.45 33.57 5.04
N ALA E 221 -43.55 32.91 4.69
CA ALA E 221 -44.61 32.59 5.65
C ALA E 221 -44.37 31.28 6.37
N GLU E 222 -43.18 30.69 6.23
CA GLU E 222 -42.88 29.40 6.83
C GLU E 222 -41.60 29.43 7.64
N ASP E 223 -41.02 30.61 7.85
CA ASP E 223 -39.88 30.77 8.76
C ASP E 223 -40.36 31.19 10.14
N VAL E 224 -41.32 30.48 10.72
CA VAL E 224 -41.94 30.88 11.97
C VAL E 224 -41.85 29.74 12.97
N GLY E 225 -41.25 30.01 14.11
CA GLY E 225 -41.02 29.01 15.13
C GLY E 225 -39.90 29.46 16.05
N VAL E 226 -39.39 28.51 16.80
CA VAL E 226 -38.34 28.79 17.78
C VAL E 226 -36.99 28.31 17.26
N TYR E 227 -35.92 29.00 17.67
CA TYR E 227 -34.57 28.79 17.18
C TYR E 227 -33.63 28.48 18.33
N TYR E 228 -32.79 27.45 18.15
CA TYR E 228 -31.90 26.95 19.19
C TYR E 228 -30.46 27.01 18.72
N CYS E 229 -29.52 27.13 19.68
CA CYS E 229 -28.10 27.02 19.38
C CYS E 229 -27.47 25.97 20.28
N MET E 230 -26.33 25.44 19.84
CA MET E 230 -25.71 24.28 20.48
C MET E 230 -24.20 24.31 20.26
N GLN E 231 -23.44 23.97 21.30
CA GLN E 231 -22.00 23.81 21.18
C GLN E 231 -21.64 22.33 21.07
N HIS E 232 -20.66 22.02 20.21
CA HIS E 232 -20.17 20.67 20.06
C HIS E 232 -18.67 20.63 20.31
N LEU E 233 -18.20 21.42 21.28
CA LEU E 233 -16.78 21.50 21.57
C LEU E 233 -16.32 20.44 22.56
N GLU E 234 -17.20 19.99 23.45
CA GLU E 234 -16.83 18.93 24.38
C GLU E 234 -18.06 18.46 25.13
N TYR E 235 -18.03 17.22 25.58
CA TYR E 235 -19.14 16.62 26.32
C TYR E 235 -19.15 17.06 27.78
N PRO E 236 -20.34 17.32 28.34
CA PRO E 236 -21.67 17.12 27.76
C PRO E 236 -22.07 18.25 26.80
N LEU E 237 -22.92 17.93 25.83
CA LEU E 237 -23.34 18.91 24.85
C LEU E 237 -24.48 19.72 25.44
N THR E 238 -24.46 21.03 25.25
CA THR E 238 -25.47 21.90 25.86
C THR E 238 -26.13 22.78 24.81
N PHE E 239 -27.44 22.92 24.92
CA PHE E 239 -28.22 23.79 24.07
C PHE E 239 -28.41 25.15 24.75
N GLY E 240 -28.97 26.10 24.00
CA GLY E 240 -29.45 27.33 24.57
C GLY E 240 -30.96 27.31 24.69
N ALA E 241 -31.48 28.27 25.43
CA ALA E 241 -32.92 28.43 25.51
C ALA E 241 -33.41 28.93 24.15
N GLY E 242 -34.72 29.07 23.98
CA GLY E 242 -35.29 29.34 22.68
C GLY E 242 -35.55 30.81 22.43
N THR E 243 -35.57 31.19 21.15
CA THR E 243 -35.88 32.55 20.71
C THR E 243 -37.02 32.47 19.70
N LYS E 244 -38.23 32.70 20.18
CA LYS E 244 -39.43 32.55 19.36
C LYS E 244 -39.56 33.70 18.37
N LEU E 245 -40.33 33.46 17.31
CA LEU E 245 -40.65 34.48 16.30
C LEU E 245 -42.13 34.40 15.96
N GLU E 246 -42.91 35.36 16.46
CA GLU E 246 -44.32 35.48 16.11
C GLU E 246 -44.50 36.57 15.06
N LEU E 247 -45.39 36.33 14.11
CA LEU E 247 -45.57 37.26 12.99
C LEU E 247 -46.64 38.30 13.31
C10 A1AIW F . 35.21 -16.93 35.29
C13 A1AIW F . 30.74 -18.19 34.63
C17 A1AIW F . 26.56 -18.64 35.61
C20 A1AIW F . 25.33 -20.15 37.55
C22 A1AIW F . 24.56 -19.43 36.66
C24 A1AIW F . 29.08 -19.03 33.39
C26 A1AIW F . 29.21 -20.62 31.54
C28 A1AIW F . 27.54 -22.23 30.96
C02 A1AIW F . 32.07 -17.83 35.27
C04 A1AIW F . 33.24 -15.68 36.36
C05 A1AIW F . 33.40 -14.36 35.61
C07 A1AIW F . 31.46 -13.08 36.09
C09 A1AIW F . 34.59 -16.39 36.59
C11 A1AIW F . 35.56 -15.38 37.22
C12 A1AIW F . 34.38 -17.43 37.68
C16 A1AIW F . 27.23 -17.80 34.52
C18 A1AIW F . 27.32 -19.35 36.51
C19 A1AIW F . 26.70 -20.12 37.49
C23 A1AIW F . 25.19 -18.67 35.70
C25 A1AIW F . 28.46 -19.80 32.38
C29 A1AIW F . 27.05 -23.12 29.82
C30 A1AIW F . 27.85 -23.12 28.51
C31 A1AIW F . 27.25 -22.07 27.58
C33 A1AIW F . 27.63 -20.87 25.38
C36 A1AIW F . 30.60 -20.68 31.71
C37 A1AIW F . 31.23 -19.92 32.69
C38 A1AIW F . 30.45 -19.09 33.54
F21 A1AIW F . 24.72 -20.90 38.51
N03 A1AIW F . 32.17 -16.42 35.68
N14 A1AIW F . 29.61 -17.68 35.05
N15 A1AIW F . 28.61 -18.17 34.31
N32 A1AIW F . 28.02 -21.86 26.38
N34 A1AIW F . 28.44 -20.72 24.20
N35 A1AIW F . 26.63 -20.13 25.47
O01 A1AIW F . 32.91 -18.65 35.41
O06 A1AIW F . 32.85 -13.18 36.14
O08 A1AIW F . 33.97 -14.31 34.57
O27 A1AIW F . 28.58 -21.38 30.54
H101 A1AIW F . 35.24 -17.90 35.31
H103 A1AIW F . 36.11 -16.61 35.19
H102 A1AIW F . 34.66 -16.65 34.54
H221 A1AIW F . 23.64 -19.46 36.71
H282 A1AIW F . 27.85 -22.79 31.69
H281 A1AIW F . 26.79 -21.71 31.24
H041 A1AIW F . 32.90 -15.47 37.24
H072 A1AIW F . 31.11 -12.71 36.93
H071 A1AIW F . 31.08 -13.96 35.95
H073 A1AIW F . 31.19 -12.51 35.36
H112 A1AIW F . 35.93 -14.78 36.55
H111 A1AIW F . 36.28 -15.87 37.64
H113 A1AIW F . 35.07 -14.87 37.88
H123 A1AIW F . 33.46 -17.72 37.67
H121 A1AIW F . 34.56 -17.04 38.54
H122 A1AIW F . 34.95 -18.19 37.56
H162 A1AIW F . 26.74 -17.92 33.70
H161 A1AIW F . 27.18 -16.86 34.76
H181 A1AIW F . 28.24 -19.33 36.47
H191 A1AIW F . 27.20 -20.60 38.09
H231 A1AIW F . 24.67 -18.19 35.09
H251 A1AIW F . 27.54 -19.76 32.27
H292 A1AIW F . 27.00 -24.03 30.14
H291 A1AIW F . 26.16 -22.82 29.59
H301 A1AIW F . 28.78 -22.93 28.69
H302 A1AIW F . 27.79 -23.98 28.10
H311 A1AIW F . 26.37 -22.36 27.33
H312 A1AIW F . 27.20 -21.25 28.06
H361 A1AIW F . 31.11 -21.22 31.15
H371 A1AIW F . 32.14 -19.96 32.79
H031 A1AIW F . 31.46 -15.97 35.52
H321 A1AIW F . 28.72 -22.33 26.24
H342 A1AIW F . 29.14 -21.20 24.10
H351 A1AIW F . 26.07 -20.15 26.15
H341 A1AIW F . 28.23 -20.14 23.60
#